data_2XII
#
_entry.id   2XII
#
_cell.length_a   104.466
_cell.length_b   85.080
_cell.length_c   120.210
_cell.angle_alpha   90.00
_cell.angle_beta   108.52
_cell.angle_gamma   90.00
#
_symmetry.space_group_name_H-M   'I 1 2 1'
#
loop_
_entity.id
_entity.type
_entity.pdbx_description
1 polymer ALPHA-L-FUCOSIDASE
2 non-polymer TYROSINE
3 non-polymer 9-oxo-N-[[(2R,3R,4R,5R,6S)-3,4,5-trihydroxy-6-methyl-piperidin-2-yl]methyl]fluorene-1-carboxamide
4 non-polymer 'SULFATE ION'
5 non-polymer GLYCEROL
6 water water
#
_entity_poly.entity_id   1
_entity_poly.type   'polypeptide(L)'
_entity_poly.pdbx_seq_one_letter_code
;AKKEIPLKYGATNEGKRQDPAMQKFRDNRLGAFIHWGLYAIPGGEWNGKVYGGAAEWLKSWAKVPADEWLKLMDQWNPTK
FDAKKWAKMAKEMGTKYVKITTKHHEGFCLWPSKYTKYTVANTPYKRDILGELVKAYNDEGIDVHFYFSVMDWSNPDYRY
DIKSKEDSIAFSRFLEFTDNQLKELATRYPTVKDFWFDGTWDASVKKNGWWTAHAEQMLKELVPGVAINSRLRADDKGKR
HFDSNGRLMGDYESGYERRLPDPVKDLKVTQWDWEACMTIPENQWGYHKDWSLSYVKTPIEVIDRIVHAVSMGGNMVVNF
GPQADGDFRPEEKAMATAIGKWMNRYGKAVYACDYAGFEKQDWGYYTRGKNDEVYMVVFNQPYSERLIVKTPKGITVEKA
TLLTTGEDITVVETTRNEYNVSVPKKNPGEPYVIQLKVRAAKGTKSIYRDALT
;
_entity_poly.pdbx_strand_id   A,B
#
# COMPACT_ATOMS: atom_id res chain seq x y z
N GLU A 4 -31.25 -18.60 -9.57
CA GLU A 4 -31.91 -18.03 -8.36
C GLU A 4 -32.61 -19.12 -7.53
N ILE A 5 -32.06 -19.40 -6.34
CA ILE A 5 -32.57 -20.42 -5.42
C ILE A 5 -33.68 -19.86 -4.52
N PRO A 6 -34.84 -20.55 -4.45
CA PRO A 6 -35.98 -20.05 -3.65
C PRO A 6 -35.81 -20.36 -2.17
N LEU A 7 -36.02 -19.33 -1.34
CA LEU A 7 -35.78 -19.44 0.09
C LEU A 7 -36.91 -18.75 0.83
N LYS A 8 -37.33 -19.33 1.96
CA LYS A 8 -38.32 -18.69 2.82
C LYS A 8 -37.64 -17.78 3.83
N TYR A 9 -36.43 -18.17 4.27
CA TYR A 9 -35.71 -17.47 5.35
C TYR A 9 -34.33 -16.98 4.93
N GLY A 10 -34.21 -16.47 3.70
CA GLY A 10 -33.00 -15.82 3.25
C GLY A 10 -33.03 -14.35 3.64
N ALA A 11 -32.37 -13.53 2.83
CA ALA A 11 -32.24 -12.10 3.10
C ALA A 11 -33.57 -11.36 2.98
N THR A 12 -33.73 -10.33 3.82
CA THR A 12 -34.94 -9.51 3.79
C THR A 12 -34.68 -8.14 3.17
N ASN A 13 -33.44 -7.65 3.25
CA ASN A 13 -33.07 -6.37 2.65
C ASN A 13 -32.52 -6.60 1.25
N GLU A 14 -32.77 -5.65 0.36
CA GLU A 14 -32.10 -5.60 -0.94
C GLU A 14 -31.20 -4.38 -0.93
N GLY A 15 -29.89 -4.60 -0.94
CA GLY A 15 -28.94 -3.51 -0.81
C GLY A 15 -29.01 -2.97 0.62
N LYS A 16 -28.50 -1.75 0.81
CA LYS A 16 -28.42 -1.14 2.13
C LYS A 16 -29.77 -0.54 2.54
N ARG A 17 -30.15 -0.71 3.80
CA ARG A 17 -31.29 0.06 4.34
C ARG A 17 -30.96 1.54 4.30
N GLN A 18 -31.96 2.36 3.96
CA GLN A 18 -31.76 3.82 3.97
C GLN A 18 -32.78 4.58 4.81
N ASP A 19 -33.54 3.86 5.64
CA ASP A 19 -34.41 4.50 6.61
C ASP A 19 -33.54 5.26 7.59
N PRO A 20 -34.11 6.27 8.27
CA PRO A 20 -33.33 7.10 9.19
C PRO A 20 -32.66 6.34 10.34
N ALA A 21 -33.26 5.22 10.74
CA ALA A 21 -32.69 4.37 11.81
C ALA A 21 -31.34 3.76 11.35
N MET A 22 -31.33 3.21 10.15
CA MET A 22 -30.10 2.64 9.61
C MET A 22 -29.09 3.74 9.28
N GLN A 23 -29.53 4.83 8.65
CA GLN A 23 -28.62 5.97 8.41
C GLN A 23 -28.00 6.49 9.71
N LYS A 24 -28.72 6.42 10.83
CA LYS A 24 -28.13 6.87 12.11
C LYS A 24 -27.11 5.84 12.58
N PHE A 25 -27.42 4.56 12.43
CA PHE A 25 -26.54 3.45 12.81
C PHE A 25 -25.22 3.61 12.04
N ARG A 26 -25.35 3.77 10.73
CA ARG A 26 -24.20 4.10 9.87
C ARG A 26 -23.47 5.39 10.21
N ASP A 27 -24.18 6.52 10.30
CA ASP A 27 -23.50 7.79 10.58
C ASP A 27 -22.75 7.87 11.88
N ASN A 28 -23.22 7.13 12.89
CA ASN A 28 -22.56 7.06 14.16
C ASN A 28 -21.06 6.67 14.02
N ARG A 29 -20.79 5.70 13.14
CA ARG A 29 -19.44 5.16 12.85
C ARG A 29 -18.57 4.61 13.99
N LEU A 30 -18.39 5.33 15.07
CA LEU A 30 -17.55 4.92 16.18
C LEU A 30 -18.35 4.50 17.41
N GLY A 31 -18.13 3.25 17.81
CA GLY A 31 -18.80 2.66 18.96
C GLY A 31 -17.82 2.18 19.99
N ALA A 32 -18.33 1.92 21.20
CA ALA A 32 -17.61 1.24 22.24
C ALA A 32 -18.33 -0.05 22.50
N PHE A 33 -17.56 -1.06 22.86
CA PHE A 33 -18.03 -2.36 23.30
C PHE A 33 -17.75 -2.41 24.82
N ILE A 34 -18.71 -2.91 25.59
CA ILE A 34 -18.53 -3.20 27.00
C ILE A 34 -18.78 -4.67 27.23
N HIS A 35 -17.73 -5.41 27.62
CA HIS A 35 -17.87 -6.77 28.11
C HIS A 35 -17.75 -6.72 29.61
N TRP A 36 -18.86 -6.97 30.29
CA TRP A 36 -18.89 -6.97 31.75
C TRP A 36 -19.76 -8.10 32.25
N GLY A 37 -19.19 -8.96 33.08
CA GLY A 37 -19.91 -10.05 33.70
C GLY A 37 -19.05 -10.65 34.78
N LEU A 38 -19.40 -11.88 35.19
CA LEU A 38 -18.81 -12.48 36.39
C LEU A 38 -17.31 -12.72 36.19
N TYR A 39 -16.92 -12.99 34.95
CA TYR A 39 -15.53 -13.10 34.58
C TYR A 39 -14.61 -11.96 35.01
N ALA A 40 -15.19 -10.80 35.24
CA ALA A 40 -14.44 -9.65 35.70
C ALA A 40 -13.94 -9.85 37.15
N ILE A 41 -14.62 -10.70 37.92
CA ILE A 41 -14.19 -10.97 39.31
C ILE A 41 -12.85 -11.73 39.37
N PRO A 42 -12.76 -12.94 38.79
CA PRO A 42 -11.47 -13.62 38.74
C PRO A 42 -10.41 -12.97 37.83
N GLY A 43 -10.82 -12.28 36.78
CA GLY A 43 -9.89 -11.49 35.97
C GLY A 43 -8.83 -12.34 35.28
N GLY A 44 -9.21 -13.56 34.87
CA GLY A 44 -8.30 -14.48 34.19
C GLY A 44 -7.52 -15.43 35.10
N GLU A 45 -7.71 -15.35 36.41
CA GLU A 45 -7.00 -16.25 37.35
C GLU A 45 -7.99 -17.17 38.06
N TRP A 46 -7.67 -18.46 38.10
CA TRP A 46 -8.48 -19.44 38.84
C TRP A 46 -7.60 -20.46 39.56
N ASN A 47 -7.82 -20.62 40.87
CA ASN A 47 -7.04 -21.53 41.74
C ASN A 47 -5.55 -21.34 41.59
N GLY A 48 -5.12 -20.08 41.73
CA GLY A 48 -3.70 -19.69 41.66
C GLY A 48 -2.99 -19.88 40.33
N LYS A 49 -3.74 -20.02 39.24
CA LYS A 49 -3.14 -20.05 37.91
C LYS A 49 -3.73 -18.89 37.11
N VAL A 50 -2.86 -18.06 36.54
CA VAL A 50 -3.28 -17.00 35.63
C VAL A 50 -3.33 -17.60 34.24
N TYR A 51 -4.48 -17.54 33.58
CA TYR A 51 -4.65 -18.13 32.27
C TYR A 51 -4.46 -17.06 31.20
N GLY A 52 -3.74 -17.42 30.14
CA GLY A 52 -3.40 -16.48 29.06
C GLY A 52 -4.52 -16.20 28.06
N GLY A 53 -5.45 -17.13 27.91
CA GLY A 53 -6.58 -16.94 27.01
C GLY A 53 -7.54 -15.84 27.46
N ALA A 54 -8.50 -15.53 26.60
CA ALA A 54 -9.44 -14.42 26.88
C ALA A 54 -10.15 -14.65 28.22
N ALA A 55 -10.17 -13.62 29.07
CA ALA A 55 -10.68 -13.74 30.45
C ALA A 55 -12.15 -14.13 30.54
N GLU A 56 -12.95 -13.68 29.58
CA GLU A 56 -14.39 -13.97 29.58
C GLU A 56 -14.70 -15.44 29.27
N TRP A 57 -13.67 -16.16 28.82
CA TRP A 57 -13.70 -17.62 28.61
C TRP A 57 -13.03 -18.42 29.73
N LEU A 58 -12.80 -17.80 30.89
CA LEU A 58 -12.07 -18.48 31.98
C LEU A 58 -12.82 -19.71 32.50
N LYS A 59 -14.13 -19.68 32.53
CA LYS A 59 -14.89 -20.89 32.86
C LYS A 59 -14.40 -22.11 32.06
N SER A 60 -14.12 -21.90 30.77
CA SER A 60 -13.69 -22.95 29.88
C SER A 60 -12.23 -23.32 30.12
N TRP A 61 -11.34 -22.32 30.23
CA TRP A 61 -9.91 -22.61 30.41
C TRP A 61 -9.64 -23.35 31.72
N ALA A 62 -10.23 -22.86 32.81
CA ALA A 62 -10.07 -23.50 34.13
C ALA A 62 -11.08 -24.64 34.39
N LYS A 63 -11.86 -24.99 33.38
CA LYS A 63 -12.82 -26.08 33.48
C LYS A 63 -13.69 -26.01 34.74
N VAL A 64 -14.38 -24.89 34.87
CA VAL A 64 -15.22 -24.61 36.03
C VAL A 64 -16.63 -25.11 35.72
N PRO A 65 -17.17 -25.97 36.60
CA PRO A 65 -18.57 -26.36 36.47
C PRO A 65 -19.48 -25.16 36.59
N ALA A 66 -20.64 -25.22 35.93
CA ALA A 66 -21.61 -24.11 35.93
C ALA A 66 -21.94 -23.66 37.34
N ASP A 67 -22.39 -24.58 38.20
CA ASP A 67 -22.80 -24.18 39.53
C ASP A 67 -21.67 -23.48 40.29
N GLU A 68 -20.42 -23.87 40.08
CA GLU A 68 -19.32 -23.21 40.78
C GLU A 68 -18.89 -21.88 40.14
N TRP A 69 -18.98 -21.78 38.81
CA TRP A 69 -18.73 -20.51 38.15
C TRP A 69 -19.78 -19.46 38.54
N LEU A 70 -21.05 -19.86 38.51
CA LEU A 70 -22.15 -18.95 38.83
C LEU A 70 -22.23 -18.50 40.31
N LYS A 71 -21.49 -19.16 41.22
CA LYS A 71 -21.36 -18.68 42.61
C LYS A 71 -20.58 -17.36 42.70
N LEU A 72 -19.83 -17.04 41.65
CA LEU A 72 -19.21 -15.72 41.55
C LEU A 72 -20.24 -14.60 41.78
N MET A 73 -21.52 -14.87 41.52
CA MET A 73 -22.58 -13.93 41.83
C MET A 73 -22.58 -13.42 43.27
N ASP A 74 -22.11 -14.23 44.20
CA ASP A 74 -22.06 -13.83 45.61
C ASP A 74 -20.99 -12.77 45.88
N GLN A 75 -20.12 -12.56 44.89
CA GLN A 75 -19.07 -11.53 44.97
C GLN A 75 -19.32 -10.34 44.04
N TRP A 76 -20.48 -10.31 43.38
CA TRP A 76 -20.83 -9.25 42.45
C TRP A 76 -21.35 -8.05 43.22
N ASN A 77 -20.47 -7.07 43.40
CA ASN A 77 -20.77 -5.89 44.18
C ASN A 77 -19.92 -4.71 43.69
N PRO A 78 -20.23 -4.16 42.50
CA PRO A 78 -19.39 -3.12 41.91
C PRO A 78 -19.65 -1.75 42.53
N THR A 79 -19.07 -1.53 43.71
CA THR A 79 -19.42 -0.35 44.51
C THR A 79 -18.99 0.99 43.87
N LYS A 80 -17.97 0.96 43.02
CA LYS A 80 -17.55 2.18 42.28
C LYS A 80 -18.36 2.50 41.01
N PHE A 81 -19.32 1.63 40.66
CA PHE A 81 -20.15 1.81 39.47
C PHE A 81 -21.01 3.06 39.54
N ASP A 82 -20.93 3.86 38.50
CA ASP A 82 -21.81 4.99 38.32
C ASP A 82 -22.04 5.13 36.83
N ALA A 83 -23.26 4.84 36.38
CA ALA A 83 -23.58 4.83 34.97
C ALA A 83 -23.37 6.20 34.29
N LYS A 84 -23.65 7.28 35.03
CA LYS A 84 -23.45 8.62 34.48
C LYS A 84 -21.98 8.88 34.17
N LYS A 85 -21.08 8.33 34.99
CA LYS A 85 -19.63 8.45 34.77
C LYS A 85 -19.18 7.60 33.58
N TRP A 86 -19.80 6.43 33.41
CA TRP A 86 -19.53 5.58 32.22
C TRP A 86 -19.95 6.34 30.96
N ALA A 87 -21.14 6.95 31.01
CA ALA A 87 -21.67 7.67 29.87
C ALA A 87 -20.87 8.94 29.54
N LYS A 88 -20.39 9.63 30.58
CA LYS A 88 -19.43 10.73 30.40
C LYS A 88 -18.07 10.28 29.78
N MET A 89 -17.55 9.13 30.17
CA MET A 89 -16.33 8.62 29.59
C MET A 89 -16.53 8.30 28.12
N ALA A 90 -17.70 7.74 27.76
CA ALA A 90 -18.05 7.51 26.35
C ALA A 90 -18.20 8.80 25.55
N LYS A 91 -18.90 9.75 26.13
CA LYS A 91 -19.12 11.05 25.48
C LYS A 91 -17.82 11.76 25.21
N GLU A 92 -16.92 11.76 26.17
CA GLU A 92 -15.61 12.36 26.00
C GLU A 92 -14.74 11.61 24.96
N MET A 93 -14.90 10.30 24.85
CA MET A 93 -14.13 9.54 23.82
C MET A 93 -14.62 9.82 22.41
N GLY A 94 -15.86 10.28 22.26
CA GLY A 94 -16.44 10.53 20.96
C GLY A 94 -17.22 9.36 20.40
N THR A 95 -17.53 8.43 21.28
CA THR A 95 -18.27 7.25 20.91
C THR A 95 -19.70 7.69 20.76
N LYS A 96 -20.34 7.26 19.69
CA LYS A 96 -21.71 7.63 19.45
C LYS A 96 -22.68 6.54 19.84
N TYR A 97 -22.14 5.37 20.15
CA TYR A 97 -22.97 4.25 20.58
C TYR A 97 -22.13 3.30 21.37
N VAL A 98 -22.83 2.50 22.18
CA VAL A 98 -22.22 1.52 23.04
C VAL A 98 -22.97 0.21 22.87
N LYS A 99 -22.20 -0.86 22.66
CA LYS A 99 -22.70 -2.22 22.58
C LYS A 99 -22.33 -2.91 23.89
N ILE A 100 -23.34 -3.36 24.62
CA ILE A 100 -23.21 -3.89 25.98
C ILE A 100 -23.58 -5.36 26.04
N THR A 101 -22.77 -6.14 26.73
CA THR A 101 -23.07 -7.55 26.89
C THR A 101 -24.23 -7.67 27.85
N THR A 102 -25.44 -7.84 27.31
CA THR A 102 -26.61 -8.11 28.15
C THR A 102 -26.42 -9.46 28.89
N LYS A 103 -25.89 -10.45 28.18
CA LYS A 103 -25.44 -11.70 28.78
C LYS A 103 -24.38 -12.29 27.85
N HIS A 104 -23.30 -12.78 28.44
CA HIS A 104 -22.21 -13.37 27.66
C HIS A 104 -22.40 -14.90 27.68
N HIS A 105 -21.39 -15.66 27.24
CA HIS A 105 -21.54 -17.15 27.16
C HIS A 105 -21.87 -17.77 28.52
N GLU A 106 -21.29 -17.19 29.58
CA GLU A 106 -21.54 -17.65 30.95
C GLU A 106 -23.03 -17.65 31.35
N GLY A 107 -23.82 -16.77 30.74
CA GLY A 107 -25.28 -16.75 30.87
C GLY A 107 -25.81 -15.81 31.95
N PHE A 108 -24.90 -15.23 32.73
CA PHE A 108 -25.26 -14.21 33.73
C PHE A 108 -25.79 -12.95 33.06
N CYS A 109 -26.99 -12.51 33.47
CA CYS A 109 -27.66 -11.38 32.88
C CYS A 109 -27.42 -10.07 33.65
N LEU A 110 -27.16 -8.99 32.90
CA LEU A 110 -26.93 -7.66 33.46
C LEU A 110 -28.23 -6.90 33.74
N TRP A 111 -29.34 -7.51 33.37
CA TRP A 111 -30.66 -7.04 33.73
C TRP A 111 -31.37 -8.14 34.54
N PRO A 112 -32.38 -7.77 35.34
CA PRO A 112 -33.03 -8.75 36.19
C PRO A 112 -34.15 -9.54 35.44
N SER A 113 -33.72 -10.47 34.59
CA SER A 113 -34.62 -11.29 33.78
C SER A 113 -35.51 -12.12 34.69
N LYS A 114 -36.76 -12.25 34.30
CA LYS A 114 -37.65 -13.13 35.04
C LYS A 114 -37.50 -14.60 34.62
N TYR A 115 -36.67 -14.89 33.60
CA TYR A 115 -36.59 -16.26 33.04
C TYR A 115 -35.41 -17.10 33.50
N THR A 116 -34.66 -16.55 34.43
CA THR A 116 -33.51 -17.24 35.01
C THR A 116 -33.12 -16.55 36.29
N LYS A 117 -32.51 -17.30 37.20
CA LYS A 117 -32.06 -16.78 38.48
C LYS A 117 -30.65 -16.21 38.41
N TYR A 118 -29.98 -16.44 37.28
CA TYR A 118 -28.62 -16.00 37.12
C TYR A 118 -28.60 -14.58 36.56
N THR A 119 -28.92 -13.64 37.43
CA THR A 119 -29.05 -12.23 37.04
C THR A 119 -28.51 -11.32 38.14
N VAL A 120 -28.27 -10.06 37.78
CA VAL A 120 -27.90 -9.00 38.74
C VAL A 120 -28.81 -8.84 39.98
N ALA A 121 -30.10 -9.20 39.83
CA ALA A 121 -31.08 -9.17 40.93
C ALA A 121 -30.65 -10.02 42.12
N ASN A 122 -29.98 -11.13 41.84
CA ASN A 122 -29.58 -12.09 42.83
C ASN A 122 -28.11 -11.96 43.16
N THR A 123 -27.65 -10.73 43.32
CA THR A 123 -26.32 -10.42 43.75
C THR A 123 -26.43 -9.46 44.91
N PRO A 124 -25.35 -9.26 45.66
CA PRO A 124 -25.30 -8.24 46.71
C PRO A 124 -25.66 -6.85 46.22
N TYR A 125 -25.30 -6.54 44.97
CA TYR A 125 -25.55 -5.21 44.38
C TYR A 125 -26.99 -5.00 43.96
N LYS A 126 -27.65 -6.06 43.50
CA LYS A 126 -29.08 -6.09 43.22
C LYS A 126 -29.55 -5.23 42.05
N ARG A 127 -28.84 -4.18 41.70
CA ARG A 127 -29.39 -3.17 40.83
C ARG A 127 -29.39 -3.57 39.35
N ASP A 128 -30.31 -2.99 38.57
CA ASP A 128 -30.38 -3.23 37.14
C ASP A 128 -29.30 -2.40 36.43
N ILE A 129 -28.12 -3.02 36.32
CA ILE A 129 -26.96 -2.41 35.67
C ILE A 129 -27.31 -1.98 34.24
N LEU A 130 -28.03 -2.84 33.52
CA LEU A 130 -28.31 -2.56 32.13
C LEU A 130 -29.22 -1.34 31.97
N GLY A 131 -30.32 -1.32 32.71
CA GLY A 131 -31.24 -0.20 32.75
C GLY A 131 -30.57 1.12 33.11
N GLU A 132 -29.70 1.09 34.11
CA GLU A 132 -28.95 2.27 34.52
C GLU A 132 -28.05 2.79 33.40
N LEU A 133 -27.36 1.87 32.73
CA LEU A 133 -26.52 2.26 31.57
C LEU A 133 -27.33 2.82 30.39
N VAL A 134 -28.43 2.18 30.04
CA VAL A 134 -29.27 2.59 28.92
C VAL A 134 -29.72 4.04 29.09
N LYS A 135 -30.20 4.33 30.30
CA LYS A 135 -30.62 5.68 30.64
C LYS A 135 -29.47 6.68 30.59
N ALA A 136 -28.35 6.34 31.19
CA ALA A 136 -27.26 7.27 31.31
C ALA A 136 -26.60 7.57 29.96
N TYR A 137 -26.37 6.52 29.16
CA TYR A 137 -25.86 6.70 27.80
C TYR A 137 -26.87 7.49 26.98
N ASN A 138 -28.14 7.13 27.05
CA ASN A 138 -29.15 7.84 26.24
C ASN A 138 -29.20 9.34 26.61
N ASP A 139 -29.06 9.66 27.89
CA ASP A 139 -29.10 11.08 28.29
C ASP A 139 -27.90 11.91 27.78
N GLU A 140 -26.82 11.22 27.42
CA GLU A 140 -25.66 11.85 26.77
C GLU A 140 -25.79 11.85 25.24
N GLY A 141 -26.91 11.34 24.72
CA GLY A 141 -27.14 11.26 23.26
C GLY A 141 -26.49 10.05 22.56
N ILE A 142 -26.14 9.05 23.35
CA ILE A 142 -25.41 7.85 22.91
C ILE A 142 -26.38 6.68 22.72
N ASP A 143 -26.46 6.14 21.50
CA ASP A 143 -27.31 5.00 21.21
C ASP A 143 -26.76 3.77 21.94
N VAL A 144 -27.67 2.91 22.35
CA VAL A 144 -27.28 1.68 23.01
C VAL A 144 -27.72 0.45 22.19
N HIS A 145 -26.75 -0.46 22.04
CA HIS A 145 -26.89 -1.70 21.33
C HIS A 145 -26.70 -2.84 22.33
N PHE A 146 -27.46 -3.90 22.15
CA PHE A 146 -27.42 -5.08 23.01
C PHE A 146 -26.69 -6.26 22.34
N TYR A 147 -25.55 -6.62 22.92
CA TYR A 147 -24.88 -7.86 22.62
C TYR A 147 -25.66 -8.95 23.36
N PHE A 148 -25.87 -10.07 22.68
CA PHE A 148 -26.57 -11.20 23.25
C PHE A 148 -25.96 -12.48 22.74
N SER A 149 -25.47 -13.29 23.67
CA SER A 149 -24.93 -14.62 23.36
C SER A 149 -26.07 -15.65 23.31
N VAL A 150 -26.27 -16.26 22.15
CA VAL A 150 -27.23 -17.33 22.03
C VAL A 150 -26.73 -18.54 22.84
N MET A 151 -25.48 -18.97 22.60
CA MET A 151 -24.86 -20.03 23.39
C MET A 151 -24.86 -19.61 24.85
N ASP A 152 -25.31 -20.51 25.74
CA ASP A 152 -25.51 -20.15 27.15
C ASP A 152 -25.06 -21.31 28.03
N TRP A 153 -23.93 -21.14 28.71
CA TRP A 153 -23.32 -22.19 29.53
C TRP A 153 -24.06 -22.43 30.83
N SER A 154 -25.08 -21.60 31.11
CA SER A 154 -25.77 -21.67 32.40
C SER A 154 -27.07 -22.47 32.27
N ASN A 155 -27.52 -22.72 31.05
CA ASN A 155 -28.75 -23.45 30.79
C ASN A 155 -28.41 -24.83 30.23
N PRO A 156 -28.71 -25.92 30.98
CA PRO A 156 -28.42 -27.28 30.49
C PRO A 156 -29.26 -27.74 29.28
N ASP A 157 -30.33 -27.03 28.95
CA ASP A 157 -31.07 -27.32 27.71
C ASP A 157 -30.34 -26.88 26.45
N TYR A 158 -29.26 -26.10 26.59
CA TYR A 158 -28.46 -25.78 25.44
C TYR A 158 -27.85 -27.06 24.81
N ARG A 159 -27.78 -27.08 23.49
CA ARG A 159 -27.15 -28.18 22.72
C ARG A 159 -26.29 -27.63 21.60
N TYR A 160 -25.11 -28.23 21.43
CA TYR A 160 -24.18 -27.82 20.41
C TYR A 160 -24.58 -28.42 19.07
N ASP A 161 -25.29 -29.55 19.12
CA ASP A 161 -25.82 -30.19 17.92
C ASP A 161 -27.12 -30.95 18.28
N ILE A 162 -27.91 -31.30 17.26
CA ILE A 162 -29.18 -32.00 17.43
C ILE A 162 -29.03 -33.38 16.76
N LYS A 163 -28.77 -34.42 17.56
CA LYS A 163 -28.55 -35.77 17.03
C LYS A 163 -29.44 -36.83 17.70
N SER A 164 -30.58 -36.38 18.22
CA SER A 164 -31.50 -37.25 18.95
C SER A 164 -32.78 -36.52 19.25
N LYS A 165 -33.82 -37.29 19.51
CA LYS A 165 -35.08 -36.78 20.01
C LYS A 165 -34.87 -35.99 21.31
N GLU A 166 -34.00 -36.48 22.20
CA GLU A 166 -33.73 -35.79 23.48
C GLU A 166 -33.12 -34.39 23.21
N ASP A 167 -32.17 -34.35 22.28
CA ASP A 167 -31.55 -33.08 21.85
C ASP A 167 -32.60 -32.13 21.30
N SER A 168 -33.48 -32.62 20.41
CA SER A 168 -34.55 -31.78 19.85
C SER A 168 -35.51 -31.20 20.89
N ILE A 169 -35.91 -32.04 21.84
CA ILE A 169 -36.81 -31.62 22.92
C ILE A 169 -36.17 -30.55 23.80
N ALA A 170 -34.92 -30.78 24.21
CA ALA A 170 -34.21 -29.85 25.08
C ALA A 170 -33.96 -28.52 24.35
N PHE A 171 -33.49 -28.59 23.11
CA PHE A 171 -33.11 -27.36 22.40
C PHE A 171 -34.31 -26.51 22.09
N SER A 172 -35.46 -27.16 21.89
CA SER A 172 -36.69 -26.42 21.74
C SER A 172 -37.05 -25.62 23.00
N ARG A 173 -36.82 -26.20 24.19
CA ARG A 173 -37.00 -25.45 25.46
C ARG A 173 -36.03 -24.26 25.50
N PHE A 174 -34.80 -24.51 25.04
CA PHE A 174 -33.79 -23.47 24.97
C PHE A 174 -34.14 -22.31 24.04
N LEU A 175 -34.68 -22.60 22.86
CA LEU A 175 -35.14 -21.53 21.98
C LEU A 175 -36.29 -20.74 22.58
N GLU A 176 -37.21 -21.40 23.29
CA GLU A 176 -38.31 -20.68 23.93
C GLU A 176 -37.78 -19.72 25.01
N PHE A 177 -36.87 -20.21 25.82
CA PHE A 177 -36.20 -19.40 26.82
C PHE A 177 -35.52 -18.20 26.18
N THR A 178 -34.78 -18.44 25.08
CA THR A 178 -34.08 -17.39 24.37
C THR A 178 -35.08 -16.38 23.86
N ASP A 179 -36.13 -16.88 23.25
CA ASP A 179 -37.21 -16.03 22.79
C ASP A 179 -37.72 -15.15 23.93
N ASN A 180 -37.94 -15.75 25.09
CA ASN A 180 -38.45 -15.03 26.24
C ASN A 180 -37.51 -13.88 26.67
N GLN A 181 -36.22 -14.18 26.80
CA GLN A 181 -35.26 -13.14 27.13
C GLN A 181 -35.21 -12.02 26.11
N LEU A 182 -35.33 -12.36 24.82
CA LEU A 182 -35.25 -11.35 23.78
C LEU A 182 -36.45 -10.38 23.80
N LYS A 183 -37.67 -10.93 23.89
CA LYS A 183 -38.88 -10.11 24.04
C LYS A 183 -38.77 -9.22 25.27
N GLU A 184 -38.27 -9.78 26.36
CA GLU A 184 -38.05 -9.02 27.57
C GLU A 184 -37.12 -7.81 27.40
N LEU A 185 -35.93 -8.05 26.83
CA LEU A 185 -35.01 -6.97 26.57
C LEU A 185 -35.63 -5.89 25.71
N ALA A 186 -36.35 -6.31 24.66
CA ALA A 186 -36.99 -5.36 23.74
C ALA A 186 -38.12 -4.52 24.37
N THR A 187 -38.79 -5.07 25.38
CA THR A 187 -39.97 -4.41 25.94
C THR A 187 -39.56 -3.56 27.13
N ARG A 188 -38.63 -4.04 27.96
CA ARG A 188 -38.09 -3.25 29.05
C ARG A 188 -37.23 -2.06 28.59
N TYR A 189 -36.48 -2.21 27.50
CA TYR A 189 -35.53 -1.21 27.05
C TYR A 189 -35.84 -0.77 25.62
N PRO A 190 -37.01 -0.14 25.39
CA PRO A 190 -37.44 0.15 24.02
C PRO A 190 -36.56 1.15 23.25
N THR A 191 -35.59 1.79 23.89
CA THR A 191 -34.65 2.67 23.17
C THR A 191 -33.49 1.89 22.50
N VAL A 192 -33.45 0.58 22.71
CA VAL A 192 -32.42 -0.26 22.08
C VAL A 192 -32.45 -0.09 20.55
N LYS A 193 -31.27 0.09 19.95
CA LYS A 193 -31.18 0.37 18.50
C LYS A 193 -30.68 -0.82 17.69
N ASP A 194 -30.19 -1.86 18.36
CA ASP A 194 -29.55 -2.97 17.67
C ASP A 194 -29.44 -4.16 18.61
N PHE A 195 -29.53 -5.37 18.04
CA PHE A 195 -29.18 -6.60 18.74
C PHE A 195 -28.06 -7.26 17.93
N TRP A 196 -26.97 -7.54 18.60
CA TRP A 196 -25.77 -8.08 17.99
C TRP A 196 -25.58 -9.44 18.59
N PHE A 197 -25.99 -10.46 17.83
CA PHE A 197 -25.93 -11.83 18.29
C PHE A 197 -24.53 -12.41 18.15
N ASP A 198 -24.17 -13.23 19.13
CA ASP A 198 -22.89 -13.89 19.16
C ASP A 198 -23.11 -15.30 19.69
N GLY A 199 -22.10 -16.16 19.61
CA GLY A 199 -22.27 -17.55 20.04
C GLY A 199 -23.35 -18.27 19.27
N THR A 200 -23.38 -18.05 17.96
CA THR A 200 -24.39 -18.64 17.09
C THR A 200 -23.76 -19.70 16.18
N TRP A 201 -22.51 -20.04 16.42
CA TRP A 201 -21.73 -20.90 15.51
C TRP A 201 -22.05 -22.39 15.56
N ASP A 202 -22.85 -22.83 16.52
CA ASP A 202 -23.04 -24.28 16.69
C ASP A 202 -24.02 -24.86 15.65
N ALA A 203 -23.86 -26.16 15.39
CA ALA A 203 -24.67 -26.83 14.37
C ALA A 203 -26.17 -26.80 14.73
N SER A 204 -26.47 -26.78 16.03
CA SER A 204 -27.85 -26.63 16.49
C SER A 204 -28.55 -25.39 15.93
N VAL A 205 -27.84 -24.28 15.77
CA VAL A 205 -28.47 -23.05 15.24
C VAL A 205 -28.61 -23.12 13.72
N LYS A 206 -27.57 -23.68 13.08
CA LYS A 206 -27.52 -23.94 11.64
C LYS A 206 -28.69 -24.83 11.20
N LYS A 207 -28.99 -25.87 11.97
CA LYS A 207 -30.16 -26.71 11.69
C LYS A 207 -31.49 -25.99 11.97
N ASN A 208 -31.44 -24.95 12.81
CA ASN A 208 -32.66 -24.22 13.17
C ASN A 208 -32.67 -22.80 12.61
N GLY A 209 -32.26 -22.70 11.35
CA GLY A 209 -32.22 -21.43 10.64
C GLY A 209 -33.53 -20.70 10.67
N TRP A 210 -34.65 -21.44 10.64
CA TRP A 210 -36.00 -20.84 10.69
C TRP A 210 -36.15 -19.91 11.89
N TRP A 211 -35.55 -20.32 13.01
CA TRP A 211 -35.61 -19.57 14.25
C TRP A 211 -34.86 -18.23 14.16
N THR A 212 -33.71 -18.24 13.49
CA THR A 212 -32.89 -17.03 13.33
C THR A 212 -33.66 -15.97 12.56
N ALA A 213 -34.38 -16.41 11.54
CA ALA A 213 -35.26 -15.53 10.78
C ALA A 213 -36.43 -14.99 11.63
N HIS A 214 -37.02 -15.89 12.41
CA HIS A 214 -38.11 -15.52 13.35
C HIS A 214 -37.63 -14.47 14.39
N ALA A 215 -36.48 -14.73 14.98
CA ALA A 215 -35.93 -13.82 16.00
C ALA A 215 -35.72 -12.43 15.41
N GLU A 216 -35.17 -12.36 14.20
CA GLU A 216 -35.00 -11.08 13.52
C GLU A 216 -36.36 -10.43 13.30
N GLN A 217 -37.33 -11.19 12.81
CA GLN A 217 -38.63 -10.58 12.53
C GLN A 217 -39.36 -10.17 13.83
N MET A 218 -39.31 -11.04 14.83
CA MET A 218 -39.91 -10.72 16.13
C MET A 218 -39.36 -9.41 16.68
N LEU A 219 -38.03 -9.25 16.65
CA LEU A 219 -37.43 -8.05 17.23
C LEU A 219 -37.75 -6.78 16.43
N LYS A 220 -37.84 -6.91 15.11
CA LYS A 220 -38.17 -5.75 14.24
C LYS A 220 -39.61 -5.24 14.42
N GLU A 221 -40.52 -6.15 14.73
CA GLU A 221 -41.89 -5.78 15.09
C GLU A 221 -41.94 -5.12 16.45
N LEU A 222 -41.19 -5.63 17.41
CA LEU A 222 -41.19 -5.07 18.75
C LEU A 222 -40.44 -3.74 18.84
N VAL A 223 -39.34 -3.59 18.09
CA VAL A 223 -38.52 -2.38 18.14
C VAL A 223 -38.40 -1.73 16.76
N PRO A 224 -39.31 -0.80 16.43
CA PRO A 224 -39.27 -0.27 15.08
C PRO A 224 -37.91 0.35 14.75
N GLY A 225 -37.38 0.02 13.58
CA GLY A 225 -36.12 0.58 13.13
C GLY A 225 -34.91 -0.19 13.62
N VAL A 226 -35.11 -1.20 14.48
CA VAL A 226 -33.97 -1.88 15.12
C VAL A 226 -33.06 -2.50 14.03
N ALA A 227 -31.75 -2.53 14.30
CA ALA A 227 -30.80 -3.25 13.48
C ALA A 227 -30.52 -4.62 14.08
N ILE A 228 -30.17 -5.56 13.22
CA ILE A 228 -29.84 -6.90 13.63
C ILE A 228 -28.61 -7.33 12.84
N ASN A 229 -27.65 -8.01 13.49
CA ASN A 229 -26.38 -8.38 12.81
C ASN A 229 -26.50 -9.70 12.03
N SER A 230 -25.59 -9.88 11.08
CA SER A 230 -25.59 -11.03 10.18
C SER A 230 -25.22 -12.31 10.90
N ARG A 231 -24.47 -12.19 12.00
CA ARG A 231 -24.02 -13.35 12.75
C ARG A 231 -25.17 -14.25 13.21
N LEU A 232 -26.33 -13.67 13.48
CA LEU A 232 -27.52 -14.40 13.91
C LEU A 232 -27.95 -15.44 12.88
N ARG A 233 -27.80 -15.10 11.60
CA ARG A 233 -28.67 -15.64 10.57
C ARG A 233 -28.11 -16.81 9.77
N ALA A 234 -28.97 -17.81 9.54
CA ALA A 234 -28.72 -18.90 8.60
C ALA A 234 -29.98 -19.05 7.77
N ASP A 235 -29.83 -19.46 6.51
CA ASP A 235 -30.99 -19.64 5.62
C ASP A 235 -31.48 -21.12 5.57
N ASP A 236 -32.44 -21.36 4.67
CA ASP A 236 -33.09 -22.67 4.49
C ASP A 236 -32.12 -23.78 4.27
N LYS A 237 -31.04 -23.46 3.54
CA LYS A 237 -29.99 -24.41 3.23
C LYS A 237 -28.92 -24.57 4.31
N GLY A 238 -28.99 -23.79 5.39
CA GLY A 238 -27.97 -23.83 6.44
C GLY A 238 -26.82 -22.89 6.17
N LYS A 239 -26.96 -22.09 5.11
CA LYS A 239 -25.92 -21.15 4.73
C LYS A 239 -25.99 -19.93 5.63
N ARG A 240 -24.84 -19.56 6.19
CA ARG A 240 -24.80 -18.49 7.19
C ARG A 240 -24.35 -17.15 6.63
N HIS A 241 -24.90 -16.10 7.24
CA HIS A 241 -24.48 -14.70 7.04
C HIS A 241 -24.92 -14.07 5.72
N PHE A 242 -24.48 -14.66 4.61
CA PHE A 242 -24.97 -14.32 3.28
C PHE A 242 -25.73 -15.54 2.82
N ASP A 243 -26.92 -15.35 2.25
CA ASP A 243 -27.78 -16.49 1.94
C ASP A 243 -27.27 -17.22 0.71
N SER A 244 -28.09 -18.16 0.23
CA SER A 244 -27.71 -19.05 -0.85
C SER A 244 -27.64 -18.32 -2.20
N ASN A 245 -28.33 -17.19 -2.28
CA ASN A 245 -28.22 -16.29 -3.44
C ASN A 245 -27.16 -15.19 -3.29
N GLY A 246 -26.27 -15.34 -2.33
CA GLY A 246 -25.21 -14.37 -2.08
C GLY A 246 -25.65 -13.05 -1.45
N ARG A 247 -26.83 -13.01 -0.85
CA ARG A 247 -27.36 -11.77 -0.29
C ARG A 247 -27.21 -11.70 1.24
N LEU A 248 -26.78 -10.53 1.72
CA LEU A 248 -26.55 -10.32 3.14
C LEU A 248 -27.84 -10.50 3.93
N MET A 249 -27.79 -11.35 4.96
CA MET A 249 -28.88 -11.51 5.92
C MET A 249 -28.63 -10.63 7.12
N GLY A 250 -29.69 -10.24 7.79
CA GLY A 250 -29.58 -9.15 8.74
C GLY A 250 -29.39 -7.82 8.02
N ASP A 251 -28.96 -6.82 8.78
CA ASP A 251 -28.94 -5.44 8.32
C ASP A 251 -27.54 -4.95 8.01
N TYR A 252 -26.55 -5.69 8.50
CA TYR A 252 -25.13 -5.33 8.37
C TYR A 252 -24.25 -6.54 8.65
N GLU A 253 -23.10 -6.56 7.99
CA GLU A 253 -22.19 -7.69 8.04
C GLU A 253 -21.28 -7.51 9.27
N SER A 254 -20.98 -8.60 9.99
CA SER A 254 -20.37 -8.50 11.33
C SER A 254 -19.22 -9.46 11.60
N GLY A 255 -18.51 -9.90 10.59
CA GLY A 255 -17.45 -10.88 10.77
C GLY A 255 -16.04 -10.33 10.97
N TYR A 256 -15.84 -9.03 10.83
CA TYR A 256 -14.53 -8.42 10.99
C TYR A 256 -14.23 -8.15 12.46
N GLU A 257 -13.96 -9.23 13.17
CA GLU A 257 -13.65 -9.21 14.60
C GLU A 257 -12.16 -9.38 14.80
N ARG A 258 -11.54 -8.34 15.36
CA ARG A 258 -10.07 -8.28 15.52
C ARG A 258 -9.34 -8.41 14.18
N ARG A 259 -10.01 -8.04 13.11
CA ARG A 259 -9.38 -7.97 11.81
C ARG A 259 -10.20 -7.07 10.92
N LEU A 260 -9.58 -6.65 9.82
CA LEU A 260 -10.18 -5.72 8.87
C LEU A 260 -9.96 -6.10 7.41
N PRO A 261 -10.88 -5.69 6.51
CA PRO A 261 -10.70 -5.98 5.07
C PRO A 261 -9.54 -5.20 4.44
N ASP A 262 -8.97 -5.76 3.37
CA ASP A 262 -7.78 -5.17 2.80
C ASP A 262 -8.20 -4.01 1.93
N PRO A 263 -7.52 -2.85 2.06
CA PRO A 263 -7.96 -1.64 1.37
C PRO A 263 -7.89 -1.67 -0.15
N VAL A 264 -7.11 -2.59 -0.71
CA VAL A 264 -7.06 -2.78 -2.16
C VAL A 264 -7.86 -3.99 -2.65
N LYS A 265 -7.78 -5.10 -1.92
CA LYS A 265 -8.34 -6.38 -2.43
C LYS A 265 -9.78 -6.66 -2.05
N ASP A 266 -10.27 -5.95 -1.04
CA ASP A 266 -11.57 -6.30 -0.44
C ASP A 266 -12.60 -5.18 -0.56
N LEU A 267 -12.60 -4.46 -1.68
CA LEU A 267 -13.53 -3.35 -1.89
C LEU A 267 -14.97 -3.81 -2.01
N LYS A 268 -15.16 -5.13 -2.07
CA LYS A 268 -16.51 -5.70 -2.08
C LYS A 268 -17.34 -5.28 -0.84
N VAL A 269 -16.65 -4.98 0.27
CA VAL A 269 -17.36 -4.65 1.53
C VAL A 269 -18.12 -3.31 1.45
N THR A 270 -17.79 -2.51 0.43
CA THR A 270 -18.39 -1.20 0.26
C THR A 270 -19.84 -1.30 -0.26
N GLN A 271 -20.26 -2.50 -0.70
CA GLN A 271 -21.62 -2.75 -1.24
C GLN A 271 -22.69 -2.98 -0.18
N TRP A 272 -22.28 -3.24 1.06
CA TRP A 272 -23.21 -3.49 2.14
C TRP A 272 -22.75 -2.80 3.43
N ASP A 273 -23.68 -2.60 4.37
CA ASP A 273 -23.30 -2.03 5.66
C ASP A 273 -22.54 -3.09 6.45
N TRP A 274 -21.57 -2.64 7.21
CA TRP A 274 -20.83 -3.57 8.02
C TRP A 274 -20.24 -2.85 9.23
N GLU A 275 -19.90 -3.63 10.25
CA GLU A 275 -19.35 -3.13 11.51
C GLU A 275 -18.26 -4.08 11.98
N ALA A 276 -17.09 -3.52 12.24
CA ALA A 276 -15.95 -4.24 12.79
C ALA A 276 -15.89 -4.04 14.30
N CYS A 277 -15.26 -4.97 15.02
CA CYS A 277 -14.96 -4.78 16.41
C CYS A 277 -13.53 -5.16 16.71
N MET A 278 -13.01 -4.67 17.82
CA MET A 278 -11.60 -4.89 18.18
C MET A 278 -11.35 -4.80 19.67
N THR A 279 -10.26 -5.41 20.09
CA THR A 279 -9.78 -5.37 21.46
C THR A 279 -8.52 -4.48 21.52
N ILE A 280 -8.19 -4.00 22.70
CA ILE A 280 -6.97 -3.21 22.89
C ILE A 280 -5.77 -4.17 23.00
N PRO A 281 -5.85 -5.18 23.89
CA PRO A 281 -4.82 -6.21 23.82
C PRO A 281 -5.08 -7.14 22.65
N GLU A 282 -4.24 -8.15 22.44
CA GLU A 282 -4.39 -9.04 21.29
C GLU A 282 -5.74 -9.77 21.28
N ASN A 283 -6.16 -10.30 22.44
CA ASN A 283 -7.41 -11.06 22.55
C ASN A 283 -7.90 -11.16 23.99
N GLN A 284 -8.47 -10.06 24.47
CA GLN A 284 -9.09 -9.94 25.78
C GLN A 284 -10.29 -9.04 25.63
N TRP A 285 -11.49 -9.55 25.89
CA TRP A 285 -12.68 -8.73 25.89
C TRP A 285 -13.10 -8.34 27.32
N GLY A 286 -13.30 -9.33 28.15
CA GLY A 286 -13.57 -9.08 29.55
C GLY A 286 -12.29 -8.72 30.27
N TYR A 287 -12.45 -8.25 31.49
CA TYR A 287 -11.32 -7.82 32.32
C TYR A 287 -10.34 -8.97 32.58
N HIS A 288 -9.08 -8.77 32.16
CA HIS A 288 -7.94 -9.62 32.52
C HIS A 288 -6.95 -8.81 33.35
N LYS A 289 -6.60 -9.34 34.52
CA LYS A 289 -5.73 -8.66 35.47
C LYS A 289 -4.31 -8.32 34.97
N ASP A 290 -3.80 -9.05 33.97
CA ASP A 290 -2.43 -8.90 33.51
C ASP A 290 -2.37 -8.67 31.99
N TRP A 291 -2.23 -7.42 31.63
CA TRP A 291 -2.16 -7.03 30.22
C TRP A 291 -0.74 -7.17 29.66
N SER A 292 0.21 -7.50 30.53
CA SER A 292 1.59 -7.68 30.10
C SER A 292 1.76 -8.96 29.29
N LEU A 293 0.78 -9.87 29.29
CA LEU A 293 0.91 -11.15 28.58
C LEU A 293 0.75 -11.08 27.08
N SER A 294 0.31 -9.94 26.57
CA SER A 294 0.24 -9.78 25.11
C SER A 294 0.42 -8.35 24.74
N TYR A 295 0.53 -8.12 23.43
CA TYR A 295 0.68 -6.78 22.93
C TYR A 295 -0.59 -5.94 23.10
N VAL A 296 -0.37 -4.72 23.56
CA VAL A 296 -1.42 -3.76 23.87
C VAL A 296 -1.29 -2.59 22.92
N LYS A 297 -2.34 -2.36 22.13
CA LYS A 297 -2.34 -1.28 21.15
C LYS A 297 -2.32 0.12 21.77
N THR A 298 -1.59 1.03 21.11
CA THR A 298 -1.52 2.42 21.50
C THR A 298 -2.72 3.14 20.90
N PRO A 299 -3.04 4.36 21.36
CA PRO A 299 -4.14 5.11 20.80
C PRO A 299 -4.08 5.33 19.28
N ILE A 300 -2.92 5.69 18.75
CA ILE A 300 -2.85 5.93 17.30
C ILE A 300 -3.10 4.63 16.52
N GLU A 301 -2.61 3.52 17.01
CA GLU A 301 -2.90 2.22 16.41
C GLU A 301 -4.39 1.92 16.39
N VAL A 302 -5.12 2.33 17.44
CA VAL A 302 -6.57 2.16 17.45
C VAL A 302 -7.28 3.14 16.54
N ILE A 303 -6.85 4.39 16.53
CA ILE A 303 -7.41 5.35 15.61
C ILE A 303 -7.21 4.94 14.15
N ASP A 304 -6.05 4.35 13.84
CA ASP A 304 -5.76 3.89 12.50
C ASP A 304 -6.83 2.90 12.05
N ARG A 305 -7.16 1.96 12.92
CA ARG A 305 -8.19 0.95 12.68
C ARG A 305 -9.59 1.55 12.52
N ILE A 306 -9.93 2.55 13.33
CA ILE A 306 -11.20 3.23 13.19
C ILE A 306 -11.32 3.86 11.81
N VAL A 307 -10.30 4.62 11.40
CA VAL A 307 -10.34 5.35 10.14
C VAL A 307 -10.33 4.36 8.95
N HIS A 308 -9.55 3.30 9.08
CA HIS A 308 -9.56 2.20 8.10
C HIS A 308 -10.96 1.67 7.86
N ALA A 309 -11.70 1.37 8.93
CA ALA A 309 -13.07 0.89 8.76
C ALA A 309 -13.94 1.87 8.00
N VAL A 310 -13.94 3.14 8.45
CA VAL A 310 -14.80 4.17 7.84
C VAL A 310 -14.44 4.39 6.36
N SER A 311 -13.14 4.35 6.06
CA SER A 311 -12.65 4.48 4.70
C SER A 311 -13.19 3.41 3.78
N MET A 312 -13.64 2.29 4.35
CA MET A 312 -14.22 1.22 3.56
C MET A 312 -15.70 1.00 3.84
N GLY A 313 -16.36 2.03 4.34
CA GLY A 313 -17.81 2.03 4.49
C GLY A 313 -18.31 1.26 5.67
N GLY A 314 -17.46 1.08 6.69
CA GLY A 314 -17.82 0.32 7.89
C GLY A 314 -17.69 1.11 9.20
N ASN A 315 -18.43 0.66 10.22
CA ASN A 315 -18.29 1.11 11.60
C ASN A 315 -17.18 0.37 12.30
N MET A 316 -16.68 0.98 13.37
CA MET A 316 -15.74 0.32 14.25
C MET A 316 -16.16 0.43 15.71
N VAL A 317 -16.02 -0.66 16.44
CA VAL A 317 -16.38 -0.73 17.85
C VAL A 317 -15.19 -1.21 18.65
N VAL A 318 -14.72 -0.31 19.54
CA VAL A 318 -13.57 -0.54 20.39
C VAL A 318 -13.97 -1.04 21.78
N ASN A 319 -13.43 -2.17 22.16
CA ASN A 319 -13.79 -2.84 23.42
C ASN A 319 -13.10 -2.35 24.70
N PHE A 320 -13.93 -2.28 25.75
CA PHE A 320 -13.54 -2.07 27.13
C PHE A 320 -14.04 -3.25 27.97
N GLY A 321 -13.23 -3.65 28.94
CA GLY A 321 -13.54 -4.73 29.87
C GLY A 321 -13.44 -4.17 31.29
N PRO A 322 -14.53 -3.58 31.79
CA PRO A 322 -14.49 -2.91 33.10
C PRO A 322 -14.14 -3.85 34.25
N GLN A 323 -13.52 -3.27 35.27
CA GLN A 323 -13.13 -4.01 36.47
C GLN A 323 -14.37 -4.48 37.22
N ALA A 324 -14.17 -5.52 38.02
CA ALA A 324 -15.21 -6.02 38.91
C ALA A 324 -15.79 -4.97 39.86
N ASP A 325 -15.02 -3.93 40.22
CA ASP A 325 -15.51 -2.86 41.11
C ASP A 325 -16.36 -1.77 40.44
N GLY A 326 -16.52 -1.85 39.12
CA GLY A 326 -17.32 -0.89 38.37
C GLY A 326 -16.56 0.30 37.81
N ASP A 327 -15.25 0.31 37.94
CA ASP A 327 -14.38 1.38 37.37
C ASP A 327 -13.59 0.77 36.20
N PHE A 328 -12.93 1.63 35.45
CA PHE A 328 -12.09 1.24 34.30
C PHE A 328 -10.63 1.28 34.70
N ARG A 329 -9.86 0.31 34.23
CA ARG A 329 -8.41 0.32 34.42
C ARG A 329 -7.77 1.55 33.82
N PRO A 330 -6.55 1.87 34.28
CA PRO A 330 -5.90 3.10 33.81
C PRO A 330 -5.62 3.14 32.30
N GLU A 331 -5.28 2.00 31.71
CA GLU A 331 -4.99 1.92 30.27
C GLU A 331 -6.21 2.25 29.43
N GLU A 332 -7.38 1.81 29.87
CA GLU A 332 -8.60 2.14 29.18
C GLU A 332 -9.03 3.59 29.33
N LYS A 333 -8.89 4.16 30.52
CA LYS A 333 -9.16 5.59 30.67
C LYS A 333 -8.28 6.47 29.75
N ALA A 334 -7.00 6.15 29.70
CA ALA A 334 -6.00 6.85 28.88
C ALA A 334 -6.38 6.75 27.42
N MET A 335 -6.84 5.57 27.02
CA MET A 335 -7.22 5.31 25.62
C MET A 335 -8.44 6.12 25.23
N ALA A 336 -9.47 6.12 26.06
CA ALA A 336 -10.68 6.83 25.75
C ALA A 336 -10.40 8.33 25.67
N THR A 337 -9.53 8.79 26.54
CA THR A 337 -9.20 10.21 26.58
C THR A 337 -8.47 10.60 25.32
N ALA A 338 -7.48 9.80 24.95
CA ALA A 338 -6.68 10.06 23.74
C ALA A 338 -7.52 9.99 22.46
N ILE A 339 -8.38 8.98 22.33
CA ILE A 339 -9.28 8.95 21.17
C ILE A 339 -10.18 10.18 21.13
N GLY A 340 -10.72 10.57 22.28
CA GLY A 340 -11.60 11.72 22.31
C GLY A 340 -10.93 13.01 21.87
N LYS A 341 -9.71 13.22 22.34
CA LYS A 341 -8.87 14.40 21.97
C LYS A 341 -8.75 14.47 20.42
N TRP A 342 -8.44 13.33 19.83
CA TRP A 342 -8.31 13.23 18.37
C TRP A 342 -9.62 13.43 17.60
N MET A 343 -10.72 12.81 18.05
CA MET A 343 -12.00 12.92 17.37
C MET A 343 -12.58 14.34 17.46
N ASN A 344 -12.30 15.03 18.54
CA ASN A 344 -12.79 16.41 18.70
C ASN A 344 -12.24 17.30 17.56
N ARG A 345 -10.97 17.09 17.26
CA ARG A 345 -10.24 17.84 16.22
C ARG A 345 -10.58 17.33 14.81
N TYR A 346 -10.51 16.00 14.63
CA TYR A 346 -10.57 15.38 13.27
C TYR A 346 -11.85 14.56 12.94
N GLY A 347 -12.76 14.44 13.90
CA GLY A 347 -13.97 13.64 13.69
C GLY A 347 -14.87 13.96 12.53
N LYS A 348 -14.77 15.17 11.99
CA LYS A 348 -15.47 15.51 10.77
C LYS A 348 -15.20 14.51 9.63
N ALA A 349 -14.00 13.93 9.63
CA ALA A 349 -13.56 12.95 8.64
C ALA A 349 -13.97 11.50 8.97
N VAL A 350 -14.77 11.31 10.04
CA VAL A 350 -15.14 9.98 10.55
C VAL A 350 -16.62 9.91 10.66
N TYR A 351 -17.21 10.77 11.50
CA TYR A 351 -18.64 10.76 11.68
C TYR A 351 -19.32 11.08 10.36
N ALA A 352 -20.32 10.28 10.04
CA ALA A 352 -21.12 10.45 8.85
C ALA A 352 -20.34 10.32 7.55
N CYS A 353 -19.20 9.63 7.58
CA CYS A 353 -18.38 9.50 6.37
C CYS A 353 -18.40 8.09 5.83
N ASP A 354 -17.87 7.93 4.61
CA ASP A 354 -18.02 6.72 3.86
C ASP A 354 -16.82 6.53 2.92
N TYR A 355 -16.87 5.45 2.17
CA TYR A 355 -15.92 5.12 1.12
C TYR A 355 -15.87 6.17 0.01
N ALA A 356 -14.67 6.62 -0.35
CA ALA A 356 -14.51 7.70 -1.31
C ALA A 356 -14.37 7.27 -2.78
N GLY A 357 -14.17 5.98 -3.03
CA GLY A 357 -13.87 5.50 -4.40
C GLY A 357 -12.50 5.88 -4.98
N PHE A 358 -11.54 6.29 -4.15
CA PHE A 358 -10.18 6.63 -4.64
C PHE A 358 -9.26 5.44 -4.41
N GLU A 359 -8.27 5.25 -5.28
CA GLU A 359 -7.25 4.22 -5.02
C GLU A 359 -6.47 4.51 -3.75
N LYS A 360 -6.27 3.46 -2.94
CA LYS A 360 -5.51 3.57 -1.71
C LYS A 360 -4.07 4.07 -1.92
N GLN A 361 -3.63 4.99 -1.06
CA GLN A 361 -2.25 5.48 -1.12
C GLN A 361 -1.59 5.20 0.21
N ASP A 362 -0.26 5.22 0.20
CA ASP A 362 0.56 4.85 1.36
C ASP A 362 0.46 5.75 2.60
N TRP A 363 0.12 7.03 2.40
CA TRP A 363 0.14 8.01 3.51
C TRP A 363 -1.04 7.83 4.47
N GLY A 364 -2.07 7.10 4.05
CA GLY A 364 -3.26 6.89 4.88
C GLY A 364 -4.51 6.55 4.12
N TYR A 365 -5.63 7.16 4.53
CA TYR A 365 -6.96 6.77 4.09
C TYR A 365 -7.73 7.96 3.53
N TYR A 366 -8.59 7.71 2.56
CA TYR A 366 -9.62 8.69 2.17
C TYR A 366 -10.91 8.37 2.88
N THR A 367 -11.66 9.40 3.26
CA THR A 367 -13.07 9.23 3.56
C THR A 367 -13.88 10.31 2.83
N ARG A 368 -15.14 10.01 2.58
CA ARG A 368 -16.07 10.89 1.86
C ARG A 368 -17.20 11.37 2.77
N GLY A 369 -17.40 12.69 2.83
CA GLY A 369 -18.43 13.30 3.67
C GLY A 369 -19.80 13.33 3.02
N LYS A 370 -20.79 13.77 3.78
CA LYS A 370 -22.17 13.83 3.27
C LYS A 370 -22.33 14.75 2.06
N ASN A 371 -21.55 15.83 2.03
CA ASN A 371 -21.60 16.79 0.91
C ASN A 371 -20.50 16.56 -0.13
N ASP A 372 -20.18 15.28 -0.38
CA ASP A 372 -19.14 14.87 -1.32
C ASP A 372 -17.78 15.54 -1.09
N GLU A 373 -17.52 15.95 0.15
CA GLU A 373 -16.17 16.27 0.59
C GLU A 373 -15.33 14.99 0.55
N VAL A 374 -14.06 15.13 0.21
CA VAL A 374 -13.12 14.00 0.29
C VAL A 374 -12.05 14.40 1.26
N TYR A 375 -11.93 13.63 2.34
CA TYR A 375 -10.94 13.89 3.36
C TYR A 375 -9.72 12.97 3.19
N MET A 376 -8.55 13.54 3.24
CA MET A 376 -7.31 12.78 3.36
C MET A 376 -6.89 12.67 4.82
N VAL A 377 -6.91 11.46 5.38
CA VAL A 377 -6.44 11.23 6.73
C VAL A 377 -5.06 10.58 6.71
N VAL A 378 -4.09 11.37 7.12
CA VAL A 378 -2.65 11.08 7.00
C VAL A 378 -2.05 10.50 8.27
N PHE A 379 -1.59 9.24 8.16
CA PHE A 379 -1.03 8.51 9.25
C PHE A 379 0.48 8.34 9.09
N ASN A 380 0.93 8.45 7.84
CA ASN A 380 2.31 8.23 7.48
C ASN A 380 2.79 9.44 6.69
N GLN A 381 3.61 10.27 7.32
CA GLN A 381 4.00 11.53 6.76
C GLN A 381 5.18 11.36 5.75
N PRO A 382 4.98 11.73 4.49
CA PRO A 382 6.08 11.50 3.53
C PRO A 382 7.21 12.52 3.69
N TYR A 383 8.45 12.06 3.73
CA TYR A 383 9.61 12.95 3.66
C TYR A 383 9.65 13.80 2.38
N SER A 384 8.99 13.35 1.35
CA SER A 384 8.88 14.13 0.13
C SER A 384 8.06 15.42 0.28
N GLU A 385 7.28 15.53 1.37
CA GLU A 385 6.35 16.68 1.61
C GLU A 385 5.23 16.72 0.61
N ARG A 386 4.98 15.58 -0.04
CA ARG A 386 3.98 15.48 -1.06
C ARG A 386 3.15 14.23 -0.84
N LEU A 387 1.84 14.43 -0.90
CA LEU A 387 0.84 13.40 -0.72
C LEU A 387 0.27 13.09 -2.06
N ILE A 388 0.55 11.90 -2.60
CA ILE A 388 0.08 11.54 -3.92
C ILE A 388 -1.41 11.26 -3.95
N VAL A 389 -2.12 11.92 -4.86
CA VAL A 389 -3.53 11.68 -5.05
C VAL A 389 -3.83 11.31 -6.48
N LYS A 390 -4.26 10.08 -6.66
CA LYS A 390 -4.70 9.61 -7.95
C LYS A 390 -6.23 9.58 -7.97
N THR A 391 -6.81 10.29 -8.92
CA THR A 391 -8.25 10.44 -9.01
C THR A 391 -8.83 9.45 -9.99
N PRO A 392 -10.09 9.04 -9.78
CA PRO A 392 -10.79 8.29 -10.81
C PRO A 392 -10.90 9.10 -12.10
N LYS A 393 -11.17 8.44 -13.22
CA LYS A 393 -11.26 9.12 -14.52
C LYS A 393 -12.44 10.08 -14.48
N GLY A 394 -12.21 11.31 -14.95
CA GLY A 394 -13.25 12.34 -15.00
C GLY A 394 -13.43 13.14 -13.73
N ILE A 395 -12.49 13.01 -12.79
CA ILE A 395 -12.57 13.62 -11.46
C ILE A 395 -11.35 14.50 -11.20
N THR A 396 -11.57 15.73 -10.75
CA THR A 396 -10.51 16.72 -10.52
C THR A 396 -10.48 17.20 -9.08
N VAL A 397 -9.30 17.61 -8.62
CA VAL A 397 -9.11 18.21 -7.29
C VAL A 397 -8.95 19.71 -7.43
N GLU A 398 -9.72 20.48 -6.66
CA GLU A 398 -9.75 21.95 -6.78
C GLU A 398 -9.12 22.71 -5.60
N LYS A 399 -9.24 22.19 -4.40
CA LYS A 399 -8.67 22.90 -3.26
C LYS A 399 -8.22 21.92 -2.19
N ALA A 400 -7.30 22.36 -1.35
CA ALA A 400 -6.87 21.57 -0.23
C ALA A 400 -6.65 22.48 0.99
N THR A 401 -7.20 22.06 2.13
CA THR A 401 -7.24 22.87 3.35
C THR A 401 -6.92 22.04 4.57
N LEU A 402 -6.06 22.53 5.46
CA LEU A 402 -5.82 21.87 6.71
C LEU A 402 -7.16 21.96 7.47
N LEU A 403 -7.59 20.83 8.05
CA LEU A 403 -8.88 20.85 8.73
C LEU A 403 -8.83 21.65 10.03
N THR A 404 -7.78 21.53 10.83
CA THR A 404 -7.74 22.17 12.15
C THR A 404 -7.29 23.64 12.18
N THR A 405 -6.77 24.16 11.08
CA THR A 405 -6.30 25.56 11.06
C THR A 405 -6.88 26.38 9.92
N GLY A 406 -7.68 25.79 9.05
CA GLY A 406 -8.07 26.44 7.78
C GLY A 406 -6.93 26.68 6.76
N GLU A 407 -5.66 26.54 7.19
CA GLU A 407 -4.45 26.77 6.34
C GLU A 407 -4.57 26.21 4.91
N ASP A 408 -4.34 27.06 3.90
CA ASP A 408 -4.44 26.66 2.49
C ASP A 408 -3.25 25.78 2.11
N ILE A 409 -3.51 24.80 1.24
CA ILE A 409 -2.58 23.69 0.93
C ILE A 409 -2.33 23.57 -0.58
N THR A 410 -1.07 23.54 -1.01
CA THR A 410 -0.81 23.52 -2.46
C THR A 410 -1.22 22.19 -3.09
N VAL A 411 -1.86 22.28 -4.25
CA VAL A 411 -2.16 21.13 -5.09
C VAL A 411 -1.49 21.33 -6.47
N VAL A 412 -0.64 20.37 -6.86
CA VAL A 412 0.07 20.38 -8.15
C VAL A 412 -0.27 19.15 -8.97
N GLU A 413 -0.63 19.35 -10.23
CA GLU A 413 -0.85 18.27 -11.19
C GLU A 413 0.52 17.68 -11.55
N THR A 414 0.64 16.37 -11.51
CA THR A 414 1.92 15.75 -11.84
C THR A 414 1.85 14.93 -13.10
N THR A 415 0.68 14.40 -13.40
CA THR A 415 0.47 13.64 -14.62
C THR A 415 -1.03 13.43 -14.76
N ARG A 416 -1.44 12.65 -15.77
CA ARG A 416 -2.84 12.44 -16.03
C ARG A 416 -3.54 11.76 -14.84
N ASN A 417 -4.56 12.42 -14.31
CA ASN A 417 -5.33 11.93 -13.14
C ASN A 417 -4.50 11.81 -11.85
N GLU A 418 -3.43 12.57 -11.72
CA GLU A 418 -2.57 12.46 -10.53
C GLU A 418 -2.09 13.81 -10.03
N TYR A 419 -2.12 13.96 -8.71
CA TYR A 419 -1.71 15.20 -8.08
C TYR A 419 -0.77 14.97 -6.94
N ASN A 420 0.07 15.96 -6.68
CA ASN A 420 0.73 16.08 -5.41
C ASN A 420 -0.05 17.09 -4.59
N VAL A 421 -0.49 16.65 -3.41
CA VAL A 421 -1.05 17.53 -2.39
C VAL A 421 0.06 17.75 -1.42
N SER A 422 0.51 18.99 -1.29
CA SER A 422 1.50 19.31 -0.32
C SER A 422 0.96 19.02 1.06
N VAL A 423 1.88 18.67 1.95
CA VAL A 423 1.62 18.59 3.37
C VAL A 423 1.54 20.04 3.88
N PRO A 424 1.32 20.21 5.19
CA PRO A 424 1.32 21.58 5.80
C PRO A 424 2.70 22.13 6.23
N LYS A 425 2.80 23.46 6.47
CA LYS A 425 4.12 24.10 6.67
C LYS A 425 4.75 23.60 7.93
N LYS A 426 3.92 23.47 8.96
CA LYS A 426 4.27 22.83 10.21
CA LYS A 426 4.37 22.79 10.13
C LYS A 426 3.64 21.46 10.16
N ASN A 427 4.43 20.47 10.47
CA ASN A 427 3.96 19.13 10.64
C ASN A 427 2.89 19.17 11.74
N PRO A 428 1.63 18.76 11.43
CA PRO A 428 0.64 18.72 12.51
C PRO A 428 1.09 17.89 13.69
N GLY A 429 2.06 17.00 13.50
CA GLY A 429 2.64 16.26 14.61
C GLY A 429 1.78 15.09 15.09
N GLU A 430 0.67 14.82 14.43
CA GLU A 430 -0.09 13.57 14.71
C GLU A 430 -0.89 13.30 13.50
N PRO A 431 -1.58 12.13 13.45
CA PRO A 431 -2.42 11.99 12.28
C PRO A 431 -3.40 13.15 12.10
N TYR A 432 -3.53 13.60 10.87
CA TYR A 432 -4.21 14.84 10.57
C TYR A 432 -5.02 14.74 9.29
N VAL A 433 -5.81 15.78 8.98
CA VAL A 433 -6.79 15.74 7.92
C VAL A 433 -6.75 16.93 6.92
N ILE A 434 -6.80 16.60 5.63
CA ILE A 434 -6.86 17.57 4.54
C ILE A 434 -8.13 17.32 3.77
N GLN A 435 -8.98 18.35 3.64
CA GLN A 435 -10.21 18.26 2.88
C GLN A 435 -10.00 18.72 1.44
N LEU A 436 -10.59 17.96 0.51
CA LEU A 436 -10.46 18.19 -0.91
C LEU A 436 -11.82 18.53 -1.49
N LYS A 437 -11.84 19.56 -2.33
CA LYS A 437 -12.98 19.82 -3.18
C LYS A 437 -12.79 19.11 -4.54
N VAL A 438 -13.76 18.30 -4.97
CA VAL A 438 -13.65 17.57 -6.23
C VAL A 438 -14.82 17.81 -7.20
N ARG A 439 -14.60 17.49 -8.48
CA ARG A 439 -15.53 17.80 -9.57
C ARG A 439 -15.55 16.69 -10.60
N ALA A 440 -16.73 16.18 -10.96
CA ALA A 440 -16.86 15.20 -12.04
C ALA A 440 -17.09 15.93 -13.38
N ALA A 441 -17.31 15.20 -14.47
CA ALA A 441 -17.45 15.82 -15.80
C ALA A 441 -18.91 15.96 -16.22
N GLU B 4 5.92 -25.83 -26.82
CA GLU B 4 7.33 -25.36 -26.99
C GLU B 4 7.68 -25.26 -28.47
N ILE B 5 7.78 -24.03 -28.97
CA ILE B 5 7.98 -23.75 -30.39
C ILE B 5 9.48 -23.72 -30.69
N PRO B 6 9.93 -24.49 -31.72
CA PRO B 6 11.33 -24.36 -32.08
C PRO B 6 11.56 -22.96 -32.65
N LEU B 7 12.61 -22.31 -32.17
CA LEU B 7 12.96 -20.95 -32.61
C LEU B 7 14.44 -20.92 -32.90
N LYS B 8 14.81 -20.26 -33.99
CA LYS B 8 16.22 -19.99 -34.27
C LYS B 8 16.70 -18.67 -33.64
N TYR B 9 15.78 -17.74 -33.38
CA TYR B 9 16.17 -16.38 -32.96
C TYR B 9 15.52 -15.98 -31.64
N GLY B 10 15.21 -16.97 -30.81
CA GLY B 10 14.55 -16.73 -29.50
C GLY B 10 15.56 -16.56 -28.39
N ALA B 11 15.15 -16.81 -27.15
CA ALA B 11 16.01 -16.50 -26.01
C ALA B 11 17.19 -17.43 -25.96
N THR B 12 18.26 -16.91 -25.36
CA THR B 12 19.54 -17.58 -25.29
C THR B 12 19.88 -17.95 -23.84
N ASN B 13 19.38 -17.16 -22.88
CA ASN B 13 19.62 -17.39 -21.47
C ASN B 13 18.52 -18.27 -20.85
N GLU B 14 18.91 -19.17 -19.95
CA GLU B 14 17.97 -19.89 -19.08
C GLU B 14 18.07 -19.26 -17.70
N GLY B 15 17.11 -18.41 -17.36
CA GLY B 15 17.16 -17.70 -16.09
C GLY B 15 18.19 -16.58 -16.15
N LYS B 16 18.51 -16.01 -14.99
CA LYS B 16 19.44 -14.86 -14.94
C LYS B 16 20.86 -15.32 -15.20
N ARG B 17 21.60 -14.52 -15.95
CA ARG B 17 23.04 -14.66 -16.05
C ARG B 17 23.71 -14.43 -14.69
N GLN B 18 24.62 -15.32 -14.32
CA GLN B 18 25.37 -15.19 -13.06
C GLN B 18 26.88 -15.13 -13.21
N ASP B 19 27.32 -14.99 -14.46
CA ASP B 19 28.73 -14.68 -14.72
C ASP B 19 29.13 -13.36 -14.08
N PRO B 20 30.44 -13.17 -13.78
CA PRO B 20 30.84 -11.99 -13.07
C PRO B 20 30.43 -10.66 -13.71
N ALA B 21 30.42 -10.59 -15.04
CA ALA B 21 30.03 -9.31 -15.70
C ALA B 21 28.54 -8.99 -15.46
N MET B 22 27.68 -9.98 -15.52
CA MET B 22 26.28 -9.74 -15.21
C MET B 22 26.05 -9.37 -13.75
N GLN B 23 26.75 -10.01 -12.85
CA GLN B 23 26.65 -9.67 -11.42
C GLN B 23 27.06 -8.21 -11.10
N LYS B 24 28.10 -7.75 -11.78
CA LYS B 24 28.54 -6.37 -11.69
C LYS B 24 27.45 -5.39 -12.22
N PHE B 25 26.91 -5.70 -13.39
CA PHE B 25 25.85 -4.90 -14.00
C PHE B 25 24.71 -4.75 -12.99
N ARG B 26 24.35 -5.87 -12.37
CA ARG B 26 23.27 -5.90 -11.41
C ARG B 26 23.67 -5.21 -10.08
N ASP B 27 24.82 -5.54 -9.53
CA ASP B 27 25.22 -4.95 -8.24
C ASP B 27 25.41 -3.44 -8.28
N ASN B 28 25.73 -2.88 -9.46
CA ASN B 28 25.90 -1.43 -9.63
C ASN B 28 24.61 -0.70 -9.17
N ARG B 29 23.46 -1.25 -9.58
CA ARG B 29 22.09 -0.79 -9.30
C ARG B 29 21.68 0.61 -9.75
N LEU B 30 22.48 1.61 -9.47
CA LEU B 30 22.14 2.99 -9.81
C LEU B 30 23.00 3.54 -10.94
N GLY B 31 22.35 3.96 -12.01
CA GLY B 31 23.00 4.57 -13.14
C GLY B 31 22.49 5.96 -13.46
N ALA B 32 23.26 6.67 -14.28
CA ALA B 32 22.80 7.90 -14.90
C ALA B 32 22.65 7.68 -16.37
N PHE B 33 21.69 8.39 -16.96
CA PHE B 33 21.47 8.40 -18.38
C PHE B 33 21.87 9.79 -18.91
N ILE B 34 22.60 9.82 -20.02
CA ILE B 34 22.99 11.09 -20.65
C ILE B 34 22.38 11.11 -22.03
N HIS B 35 21.44 12.01 -22.28
CA HIS B 35 20.91 12.26 -23.63
C HIS B 35 21.55 13.59 -24.08
N TRP B 36 22.55 13.51 -24.96
CA TRP B 36 23.22 14.70 -25.48
C TRP B 36 23.37 14.55 -26.97
N GLY B 37 22.91 15.58 -27.67
CA GLY B 37 22.76 15.54 -29.12
C GLY B 37 22.47 16.91 -29.65
N LEU B 38 22.23 16.99 -30.95
CA LEU B 38 22.04 18.29 -31.64
C LEU B 38 20.80 19.01 -31.07
N TYR B 39 19.80 18.21 -30.65
CA TYR B 39 18.61 18.73 -29.96
C TYR B 39 18.89 19.66 -28.79
N ALA B 40 20.03 19.54 -28.14
CA ALA B 40 20.35 20.43 -27.04
C ALA B 40 20.49 21.89 -27.47
N ILE B 41 20.74 22.11 -28.77
CA ILE B 41 20.97 23.44 -29.30
C ILE B 41 19.66 24.22 -29.37
N PRO B 42 18.64 23.70 -30.10
CA PRO B 42 17.37 24.45 -30.07
C PRO B 42 16.62 24.31 -28.73
N GLY B 43 16.91 23.24 -27.98
CA GLY B 43 16.35 23.06 -26.64
C GLY B 43 14.83 23.15 -26.55
N GLY B 44 14.15 22.66 -27.58
CA GLY B 44 12.71 22.54 -27.65
C GLY B 44 11.99 23.64 -28.41
N GLU B 45 12.76 24.59 -28.95
CA GLU B 45 12.21 25.73 -29.69
C GLU B 45 12.70 25.72 -31.12
N TRP B 46 11.77 25.89 -32.06
CA TRP B 46 12.14 25.99 -33.46
C TRP B 46 11.35 27.08 -34.17
N ASN B 47 12.05 27.99 -34.85
CA ASN B 47 11.42 29.04 -35.66
C ASN B 47 10.38 29.84 -34.85
N GLY B 48 10.81 30.20 -33.65
CA GLY B 48 10.09 31.04 -32.73
C GLY B 48 9.01 30.39 -31.91
N LYS B 49 8.88 29.07 -31.99
CA LYS B 49 7.80 28.38 -31.27
C LYS B 49 8.41 27.37 -30.32
N VAL B 50 7.94 27.38 -29.08
CA VAL B 50 8.39 26.41 -28.08
C VAL B 50 7.37 25.26 -28.11
N TYR B 51 7.88 24.04 -28.19
CA TYR B 51 7.04 22.87 -28.29
C TYR B 51 7.11 22.17 -26.95
N GLY B 52 5.97 21.67 -26.48
CA GLY B 52 5.90 21.04 -25.17
C GLY B 52 6.42 19.59 -25.12
N GLY B 53 6.39 18.93 -26.27
CA GLY B 53 6.92 17.57 -26.42
C GLY B 53 8.40 17.45 -26.04
N ALA B 54 8.85 16.21 -25.87
CA ALA B 54 10.25 15.94 -25.51
C ALA B 54 11.21 16.61 -26.50
N ALA B 55 12.20 17.28 -25.97
CA ALA B 55 13.07 18.17 -26.74
C ALA B 55 13.78 17.37 -27.86
N GLU B 56 14.12 16.12 -27.57
CA GLU B 56 14.89 15.32 -28.51
C GLU B 56 14.09 14.85 -29.73
N TRP B 57 12.78 15.06 -29.71
CA TRP B 57 11.87 14.78 -30.80
C TRP B 57 11.44 16.06 -31.52
N LEU B 58 12.11 17.19 -31.27
CA LEU B 58 11.74 18.49 -31.91
C LEU B 58 11.73 18.43 -33.45
N LYS B 59 12.67 17.69 -34.05
CA LYS B 59 12.65 17.49 -35.49
C LYS B 59 11.30 16.99 -35.93
N SER B 60 10.71 16.07 -35.16
CA SER B 60 9.40 15.57 -35.48
C SER B 60 8.30 16.61 -35.20
N TRP B 61 8.31 17.21 -34.03
CA TRP B 61 7.25 18.18 -33.63
C TRP B 61 7.20 19.35 -34.59
N ALA B 62 8.37 19.89 -34.95
CA ALA B 62 8.46 21.06 -35.80
C ALA B 62 8.59 20.72 -37.24
N LYS B 63 8.43 19.44 -37.57
CA LYS B 63 8.48 18.95 -38.96
C LYS B 63 9.69 19.47 -39.75
N VAL B 64 10.88 19.31 -39.17
CA VAL B 64 12.12 19.79 -39.75
C VAL B 64 12.73 18.71 -40.67
N PRO B 65 12.98 19.06 -41.95
CA PRO B 65 13.74 18.16 -42.84
C PRO B 65 15.11 17.80 -42.28
N ALA B 66 15.56 16.58 -42.57
CA ALA B 66 16.86 16.10 -42.14
C ALA B 66 18.01 17.07 -42.45
N ASP B 67 18.05 17.59 -43.69
CA ASP B 67 19.12 18.49 -44.11
C ASP B 67 19.16 19.69 -43.17
N GLU B 68 18.00 20.28 -42.94
CA GLU B 68 17.90 21.48 -42.11
C GLU B 68 18.21 21.17 -40.65
N TRP B 69 17.72 20.04 -40.13
CA TRP B 69 18.03 19.62 -38.74
C TRP B 69 19.53 19.40 -38.52
N LEU B 70 20.14 18.64 -39.43
CA LEU B 70 21.54 18.24 -39.27
C LEU B 70 22.50 19.41 -39.44
N LYS B 71 22.03 20.50 -40.07
CA LYS B 71 22.82 21.75 -40.08
C LYS B 71 23.09 22.36 -38.69
N LEU B 72 22.37 21.91 -37.66
CA LEU B 72 22.73 22.27 -36.30
C LEU B 72 24.16 21.84 -35.96
N MET B 73 24.70 20.86 -36.67
CA MET B 73 26.12 20.52 -36.50
C MET B 73 27.05 21.76 -36.58
N ASP B 74 26.71 22.71 -37.45
CA ASP B 74 27.53 23.94 -37.58
C ASP B 74 27.57 24.79 -36.30
N GLN B 75 26.58 24.58 -35.42
CA GLN B 75 26.48 25.31 -34.15
C GLN B 75 26.96 24.51 -32.95
N TRP B 76 27.38 23.27 -33.18
CA TRP B 76 27.76 22.37 -32.08
C TRP B 76 29.15 22.75 -31.58
N ASN B 77 29.20 23.47 -30.47
CA ASN B 77 30.46 23.95 -29.94
C ASN B 77 30.40 24.07 -28.43
N PRO B 78 30.33 22.91 -27.73
CA PRO B 78 30.14 22.91 -26.28
C PRO B 78 31.38 23.32 -25.51
N THR B 79 31.64 24.62 -25.47
CA THR B 79 32.93 25.10 -25.02
C THR B 79 33.15 24.93 -23.50
N LYS B 80 32.07 24.71 -22.77
CA LYS B 80 32.18 24.48 -21.32
C LYS B 80 32.31 22.99 -20.95
N PHE B 81 32.32 22.12 -21.96
CA PHE B 81 32.45 20.69 -21.71
C PHE B 81 33.77 20.28 -21.08
N ASP B 82 33.67 19.49 -20.03
CA ASP B 82 34.83 18.93 -19.34
C ASP B 82 34.48 17.54 -18.82
N ALA B 83 34.96 16.51 -19.53
CA ALA B 83 34.64 15.10 -19.22
C ALA B 83 34.97 14.72 -17.77
N LYS B 84 36.07 15.24 -17.25
CA LYS B 84 36.41 15.05 -15.84
C LYS B 84 35.36 15.63 -14.91
N LYS B 85 34.81 16.78 -15.26
CA LYS B 85 33.79 17.41 -14.43
C LYS B 85 32.52 16.53 -14.45
N TRP B 86 32.17 16.04 -15.64
CA TRP B 86 31.00 15.14 -15.79
C TRP B 86 31.20 13.87 -14.96
N ALA B 87 32.39 13.29 -15.06
CA ALA B 87 32.73 12.07 -14.30
C ALA B 87 32.75 12.30 -12.78
N LYS B 88 33.25 13.47 -12.35
CA LYS B 88 33.18 13.83 -10.92
C LYS B 88 31.72 14.01 -10.45
N MET B 89 30.86 14.54 -11.32
CA MET B 89 29.48 14.80 -10.97
C MET B 89 28.78 13.47 -10.75
N ALA B 90 29.04 12.51 -11.67
CA ALA B 90 28.53 11.16 -11.52
C ALA B 90 29.05 10.49 -10.25
N LYS B 91 30.37 10.55 -10.02
CA LYS B 91 30.95 9.91 -8.83
C LYS B 91 30.32 10.46 -7.57
N GLU B 92 30.15 11.78 -7.51
CA GLU B 92 29.59 12.43 -6.32
C GLU B 92 28.10 12.11 -6.15
N MET B 93 27.39 11.88 -7.26
CA MET B 93 26.01 11.45 -7.20
C MET B 93 25.83 10.03 -6.64
N GLY B 94 26.86 9.19 -6.68
CA GLY B 94 26.74 7.79 -6.25
C GLY B 94 26.39 6.83 -7.39
N THR B 95 26.45 7.31 -8.63
CA THR B 95 26.14 6.47 -9.77
C THR B 95 27.31 5.51 -10.02
N LYS B 96 27.00 4.24 -10.29
CA LYS B 96 28.06 3.27 -10.56
C LYS B 96 28.25 3.01 -12.07
N TYR B 97 27.36 3.54 -12.87
CA TYR B 97 27.45 3.41 -14.32
C TYR B 97 26.70 4.52 -14.99
N VAL B 98 27.06 4.78 -16.25
CA VAL B 98 26.39 5.79 -17.06
C VAL B 98 26.08 5.25 -18.44
N LYS B 99 24.85 5.49 -18.89
CA LYS B 99 24.41 5.09 -20.20
C LYS B 99 24.36 6.36 -21.04
N ILE B 100 25.11 6.38 -22.13
CA ILE B 100 25.34 7.57 -22.93
C ILE B 100 24.73 7.40 -24.30
N THR B 101 23.96 8.38 -24.76
CA THR B 101 23.46 8.36 -26.13
C THR B 101 24.62 8.48 -27.13
N THR B 102 25.02 7.35 -27.71
CA THR B 102 26.06 7.40 -28.77
C THR B 102 25.51 8.03 -30.03
N LYS B 103 24.27 7.70 -30.34
CA LYS B 103 23.52 8.20 -31.46
C LYS B 103 22.03 8.12 -31.08
N HIS B 104 21.31 9.25 -31.14
CA HIS B 104 19.84 9.22 -30.92
C HIS B 104 19.08 9.08 -32.25
N HIS B 105 17.74 9.21 -32.25
CA HIS B 105 16.93 9.10 -33.47
C HIS B 105 17.41 10.04 -34.59
N GLU B 106 17.83 11.24 -34.19
CA GLU B 106 18.36 12.22 -35.15
C GLU B 106 19.53 11.66 -35.99
N GLY B 107 20.35 10.78 -35.43
CA GLY B 107 21.41 10.15 -36.22
C GLY B 107 22.81 10.74 -36.09
N PHE B 108 22.93 11.82 -35.32
CA PHE B 108 24.17 12.51 -35.05
C PHE B 108 24.97 11.70 -34.06
N CYS B 109 26.20 11.34 -34.44
CA CYS B 109 27.03 10.47 -33.66
C CYS B 109 27.95 11.25 -32.75
N LEU B 110 27.99 10.87 -31.49
CA LEU B 110 28.87 11.49 -30.50
C LEU B 110 30.30 10.91 -30.58
N TRP B 111 30.55 10.03 -31.51
CA TRP B 111 31.93 9.58 -31.78
C TRP B 111 32.17 9.80 -33.26
N PRO B 112 33.45 9.96 -33.63
CA PRO B 112 33.79 10.28 -35.02
C PRO B 112 33.70 9.04 -35.89
N SER B 113 32.48 8.63 -36.20
CA SER B 113 32.24 7.47 -37.02
C SER B 113 32.82 7.62 -38.43
N LYS B 114 33.31 6.49 -38.94
CA LYS B 114 33.86 6.33 -40.29
C LYS B 114 32.75 6.15 -41.28
N TYR B 115 31.53 5.87 -40.80
CA TYR B 115 30.43 5.44 -41.66
C TYR B 115 29.37 6.50 -42.00
N THR B 116 29.53 7.70 -41.46
CA THR B 116 28.64 8.82 -41.76
C THR B 116 29.37 10.11 -41.55
N LYS B 117 28.96 11.16 -42.25
CA LYS B 117 29.48 12.50 -42.00
C LYS B 117 28.78 13.22 -40.86
N TYR B 118 27.69 12.65 -40.33
CA TYR B 118 26.91 13.34 -39.28
C TYR B 118 27.44 12.99 -37.90
N THR B 119 28.63 13.48 -37.58
CA THR B 119 29.31 13.18 -36.34
C THR B 119 29.99 14.40 -35.73
N VAL B 120 30.41 14.23 -34.49
CA VAL B 120 31.22 15.18 -33.77
C VAL B 120 32.44 15.74 -34.55
N ALA B 121 33.05 14.94 -35.42
CA ALA B 121 34.26 15.39 -36.13
C ALA B 121 33.94 16.63 -36.98
N ASN B 122 32.71 16.68 -37.50
CA ASN B 122 32.30 17.67 -38.48
C ASN B 122 31.50 18.77 -37.85
N THR B 123 32.02 19.23 -36.72
CA THR B 123 31.48 20.34 -35.98
C THR B 123 32.66 21.25 -35.60
N PRO B 124 32.37 22.51 -35.20
CA PRO B 124 33.42 23.39 -34.70
C PRO B 124 34.21 22.84 -33.52
N TYR B 125 33.60 21.97 -32.72
CA TYR B 125 34.27 21.41 -31.56
C TYR B 125 35.26 20.29 -31.87
N LYS B 126 34.94 19.51 -32.90
CA LYS B 126 35.80 18.47 -33.48
C LYS B 126 36.06 17.21 -32.64
N ARG B 127 36.08 17.34 -31.33
CA ARG B 127 36.60 16.30 -30.47
C ARG B 127 35.65 15.10 -30.31
N ASP B 128 36.23 13.94 -30.03
CA ASP B 128 35.48 12.71 -29.77
C ASP B 128 34.90 12.75 -28.35
N ILE B 129 33.69 13.29 -28.28
CA ILE B 129 32.92 13.43 -27.05
C ILE B 129 32.80 12.06 -26.33
N LEU B 130 32.32 11.07 -27.07
CA LEU B 130 32.09 9.74 -26.53
C LEU B 130 33.35 9.18 -25.87
N GLY B 131 34.48 9.28 -26.59
CA GLY B 131 35.76 8.78 -26.12
C GLY B 131 36.28 9.50 -24.90
N GLU B 132 36.10 10.82 -24.85
CA GLU B 132 36.47 11.61 -23.66
C GLU B 132 35.64 11.20 -22.45
N LEU B 133 34.34 10.99 -22.66
CA LEU B 133 33.46 10.53 -21.58
C LEU B 133 33.83 9.12 -21.09
N VAL B 134 34.02 8.19 -22.03
CA VAL B 134 34.40 6.81 -21.67
C VAL B 134 35.62 6.82 -20.74
N LYS B 135 36.67 7.49 -21.17
CA LYS B 135 37.89 7.57 -20.41
C LYS B 135 37.68 8.23 -19.06
N ALA B 136 36.96 9.34 -19.02
CA ALA B 136 36.79 10.07 -17.78
C ALA B 136 35.92 9.26 -16.79
N TYR B 137 34.86 8.63 -17.28
CA TYR B 137 34.03 7.87 -16.36
C TYR B 137 34.85 6.67 -15.85
N ASN B 138 35.57 5.97 -16.72
CA ASN B 138 36.34 4.78 -16.27
C ASN B 138 37.42 5.11 -15.26
N ASP B 139 38.05 6.29 -15.40
CA ASP B 139 39.07 6.74 -14.43
C ASP B 139 38.48 6.93 -13.02
N GLU B 140 37.17 7.20 -12.95
CA GLU B 140 36.47 7.31 -11.69
C GLU B 140 35.92 5.96 -11.21
N GLY B 141 36.22 4.89 -11.93
CA GLY B 141 35.70 3.54 -11.63
C GLY B 141 34.24 3.34 -11.99
N ILE B 142 33.74 4.07 -12.99
CA ILE B 142 32.33 4.07 -13.37
C ILE B 142 32.19 3.34 -14.71
N ASP B 143 31.31 2.34 -14.78
CA ASP B 143 31.11 1.55 -15.97
C ASP B 143 30.35 2.38 -16.98
N VAL B 144 30.65 2.16 -18.25
CA VAL B 144 29.98 2.88 -19.31
C VAL B 144 29.15 1.96 -20.18
N HIS B 145 27.91 2.39 -20.43
CA HIS B 145 26.96 1.69 -21.25
C HIS B 145 26.61 2.53 -22.47
N PHE B 146 26.39 1.93 -23.63
CA PHE B 146 26.06 2.72 -24.84
C PHE B 146 24.61 2.60 -25.21
N TYR B 147 23.88 3.72 -25.16
CA TYR B 147 22.59 3.79 -25.79
C TYR B 147 22.82 3.86 -27.30
N PHE B 148 21.97 3.17 -28.07
CA PHE B 148 22.02 3.22 -29.54
C PHE B 148 20.63 3.18 -30.15
N SER B 149 20.26 4.24 -30.87
CA SER B 149 19.00 4.23 -31.60
C SER B 149 19.12 3.51 -32.94
N VAL B 150 18.37 2.43 -33.12
CA VAL B 150 18.34 1.73 -34.42
C VAL B 150 17.69 2.66 -35.45
N MET B 151 16.46 3.10 -35.18
CA MET B 151 15.85 4.15 -35.99
C MET B 151 16.81 5.33 -36.17
N ASP B 152 17.01 5.74 -37.42
CA ASP B 152 17.97 6.79 -37.71
C ASP B 152 17.39 7.73 -38.76
N TRP B 153 17.10 8.95 -38.34
CA TRP B 153 16.44 9.91 -39.19
C TRP B 153 17.42 10.59 -40.18
N SER B 154 18.72 10.31 -40.05
CA SER B 154 19.74 10.90 -40.92
C SER B 154 20.10 10.00 -42.10
N ASN B 155 19.76 8.72 -42.01
CA ASN B 155 20.09 7.77 -43.09
C ASN B 155 18.85 7.53 -43.94
N PRO B 156 18.87 8.02 -45.20
CA PRO B 156 17.74 7.81 -46.11
C PRO B 156 17.40 6.36 -46.42
N ASP B 157 18.28 5.40 -46.09
CA ASP B 157 17.96 3.97 -46.27
C ASP B 157 17.10 3.34 -45.13
N TYR B 158 16.92 4.08 -44.03
CA TYR B 158 15.97 3.63 -43.02
C TYR B 158 14.57 3.51 -43.60
N ARG B 159 13.84 2.49 -43.17
CA ARG B 159 12.44 2.29 -43.50
C ARG B 159 11.71 1.86 -42.23
N TYR B 160 10.48 2.38 -42.08
CA TYR B 160 9.57 2.04 -40.97
C TYR B 160 8.86 0.70 -41.27
N ASP B 161 8.60 0.44 -42.55
CA ASP B 161 8.09 -0.87 -43.02
C ASP B 161 8.61 -1.14 -44.44
N ILE B 162 8.61 -2.41 -44.84
CA ILE B 162 9.00 -2.82 -46.18
C ILE B 162 7.74 -2.92 -47.00
N LYS B 163 7.56 -1.95 -47.91
CA LYS B 163 6.35 -1.83 -48.72
C LYS B 163 6.59 -1.93 -50.22
N SER B 164 7.81 -2.28 -50.61
CA SER B 164 8.19 -2.30 -52.02
C SER B 164 9.45 -3.12 -52.16
N LYS B 165 9.76 -3.49 -53.39
CA LYS B 165 11.02 -4.13 -53.71
C LYS B 165 12.18 -3.20 -53.30
N GLU B 166 12.02 -1.91 -53.57
CA GLU B 166 13.05 -0.89 -53.26
C GLU B 166 13.28 -0.75 -51.74
N ASP B 167 12.19 -0.76 -50.98
CA ASP B 167 12.27 -0.75 -49.51
C ASP B 167 13.14 -1.89 -48.98
N SER B 168 12.98 -3.07 -49.56
CA SER B 168 13.73 -4.22 -49.10
C SER B 168 15.24 -4.03 -49.28
N ILE B 169 15.63 -3.52 -50.44
CA ILE B 169 17.04 -3.33 -50.77
C ILE B 169 17.63 -2.22 -49.89
N ALA B 170 16.89 -1.14 -49.73
CA ALA B 170 17.33 0.03 -48.93
C ALA B 170 17.51 -0.39 -47.49
N PHE B 171 16.54 -1.14 -46.97
CA PHE B 171 16.61 -1.53 -45.56
C PHE B 171 17.78 -2.47 -45.32
N SER B 172 18.09 -3.35 -46.29
CA SER B 172 19.28 -4.19 -46.19
C SER B 172 20.57 -3.39 -46.09
N ARG B 173 20.71 -2.32 -46.90
CA ARG B 173 21.86 -1.40 -46.78
C ARG B 173 21.90 -0.79 -45.39
N PHE B 174 20.73 -0.46 -44.88
CA PHE B 174 20.61 0.14 -43.55
C PHE B 174 21.13 -0.78 -42.44
N LEU B 175 20.74 -2.04 -42.49
CA LEU B 175 21.21 -3.00 -41.48
C LEU B 175 22.74 -3.18 -41.54
N GLU B 176 23.30 -3.16 -42.75
CA GLU B 176 24.77 -3.25 -42.90
C GLU B 176 25.46 -2.04 -42.29
N PHE B 177 24.97 -0.86 -42.62
CA PHE B 177 25.39 0.39 -42.01
C PHE B 177 25.31 0.35 -40.48
N THR B 178 24.21 -0.18 -39.97
CA THR B 178 24.01 -0.27 -38.51
C THR B 178 25.03 -1.21 -37.90
N ASP B 179 25.22 -2.38 -38.53
CA ASP B 179 26.27 -3.30 -38.11
C ASP B 179 27.64 -2.66 -38.08
N ASN B 180 27.98 -1.88 -39.10
CA ASN B 180 29.28 -1.22 -39.18
C ASN B 180 29.51 -0.26 -38.02
N GLN B 181 28.52 0.55 -37.72
CA GLN B 181 28.63 1.41 -36.54
C GLN B 181 28.75 0.66 -35.23
N LEU B 182 27.96 -0.41 -35.04
CA LEU B 182 28.04 -1.18 -33.79
C LEU B 182 29.40 -1.85 -33.57
N LYS B 183 29.92 -2.44 -34.65
CA LYS B 183 31.26 -3.05 -34.60
C LYS B 183 32.29 -1.98 -34.28
N GLU B 184 32.15 -0.79 -34.86
CA GLU B 184 33.07 0.32 -34.61
C GLU B 184 33.06 0.78 -33.13
N LEU B 185 31.88 0.91 -32.56
CA LEU B 185 31.72 1.27 -31.15
C LEU B 185 32.38 0.24 -30.25
N ALA B 186 32.17 -1.02 -30.57
CA ALA B 186 32.68 -2.11 -29.74
C ALA B 186 34.21 -2.22 -29.83
N THR B 187 34.77 -1.84 -30.97
CA THR B 187 36.21 -1.92 -31.19
C THR B 187 36.92 -0.65 -30.75
N ARG B 188 36.35 0.53 -31.04
CA ARG B 188 36.93 1.77 -30.53
C ARG B 188 36.92 1.83 -29.02
N TYR B 189 35.86 1.33 -28.39
CA TYR B 189 35.66 1.52 -26.94
C TYR B 189 35.47 0.17 -26.25
N PRO B 190 36.57 -0.60 -26.07
CA PRO B 190 36.38 -1.99 -25.62
C PRO B 190 36.03 -2.18 -24.12
N THR B 191 36.12 -1.11 -23.33
CA THR B 191 35.62 -1.12 -21.95
C THR B 191 34.07 -1.03 -21.82
N VAL B 192 33.35 -0.83 -22.93
CA VAL B 192 31.88 -0.84 -22.92
C VAL B 192 31.30 -2.11 -22.27
N LYS B 193 30.34 -1.94 -21.35
CA LYS B 193 29.79 -3.06 -20.61
C LYS B 193 28.38 -3.44 -21.04
N ASP B 194 27.73 -2.63 -21.90
CA ASP B 194 26.33 -2.82 -22.26
C ASP B 194 25.95 -2.04 -23.50
N PHE B 195 25.06 -2.58 -24.29
CA PHE B 195 24.42 -1.84 -25.35
C PHE B 195 22.93 -1.85 -25.08
N TRP B 196 22.36 -0.66 -25.02
CA TRP B 196 20.95 -0.47 -24.74
C TRP B 196 20.35 0.11 -26.01
N PHE B 197 19.71 -0.77 -26.77
CA PHE B 197 19.02 -0.38 -27.99
C PHE B 197 17.68 0.28 -27.79
N ASP B 198 17.40 1.27 -28.63
CA ASP B 198 16.12 1.98 -28.60
C ASP B 198 15.73 2.22 -30.02
N GLY B 199 14.52 2.71 -30.26
CA GLY B 199 14.09 2.97 -31.60
C GLY B 199 13.97 1.73 -32.44
N THR B 200 13.50 0.65 -31.83
CA THR B 200 13.38 -0.66 -32.53
C THR B 200 11.94 -1.09 -32.72
N TRP B 201 10.98 -0.19 -32.54
CA TRP B 201 9.54 -0.56 -32.56
C TRP B 201 8.90 -0.70 -33.92
N ASP B 202 9.60 -0.32 -34.98
CA ASP B 202 9.01 -0.30 -36.30
C ASP B 202 8.85 -1.72 -36.85
N ALA B 203 7.88 -1.87 -37.75
CA ALA B 203 7.57 -3.16 -38.38
C ALA B 203 8.78 -3.75 -39.09
N SER B 204 9.59 -2.86 -39.66
CA SER B 204 10.81 -3.25 -40.36
C SER B 204 11.74 -4.06 -39.50
N VAL B 205 11.88 -3.64 -38.23
CA VAL B 205 12.70 -4.38 -37.28
C VAL B 205 12.04 -5.67 -36.82
N LYS B 206 10.75 -5.61 -36.49
CA LYS B 206 9.97 -6.76 -36.04
C LYS B 206 10.08 -7.95 -36.98
N LYS B 207 10.04 -7.68 -38.28
CA LYS B 207 10.07 -8.77 -39.26
C LYS B 207 11.48 -9.22 -39.55
N ASN B 208 12.48 -8.51 -39.00
CA ASN B 208 13.86 -8.93 -39.07
C ASN B 208 14.48 -9.41 -37.73
N GLY B 209 13.79 -10.35 -37.07
CA GLY B 209 14.27 -10.93 -35.81
C GLY B 209 15.64 -11.54 -35.92
N TRP B 210 15.94 -12.16 -37.07
CA TRP B 210 17.27 -12.73 -37.26
C TRP B 210 18.34 -11.67 -37.04
N TRP B 211 18.09 -10.45 -37.51
CA TRP B 211 19.09 -9.38 -37.42
C TRP B 211 19.31 -9.00 -35.96
N THR B 212 18.22 -8.94 -35.20
CA THR B 212 18.33 -8.60 -33.77
C THR B 212 19.15 -9.67 -33.02
N ALA B 213 18.90 -10.95 -33.33
CA ALA B 213 19.68 -12.04 -32.75
C ALA B 213 21.14 -11.96 -33.19
N HIS B 214 21.37 -11.67 -34.47
CA HIS B 214 22.74 -11.53 -34.99
C HIS B 214 23.52 -10.36 -34.33
N ALA B 215 22.83 -9.25 -34.09
CA ALA B 215 23.49 -8.07 -33.52
C ALA B 215 23.95 -8.34 -32.11
N GLU B 216 23.09 -8.99 -31.34
CA GLU B 216 23.40 -9.39 -29.98
C GLU B 216 24.62 -10.29 -29.99
N GLN B 217 24.62 -11.29 -30.87
CA GLN B 217 25.71 -12.26 -30.90
C GLN B 217 27.03 -11.64 -31.34
N MET B 218 26.96 -10.81 -32.39
CA MET B 218 28.10 -10.05 -32.93
C MET B 218 28.78 -9.22 -31.86
N LEU B 219 27.98 -8.54 -31.03
CA LEU B 219 28.55 -7.68 -30.01
C LEU B 219 29.14 -8.50 -28.88
N LYS B 220 28.49 -9.61 -28.57
CA LYS B 220 28.99 -10.48 -27.49
C LYS B 220 30.35 -11.13 -27.87
N GLU B 221 30.55 -11.45 -29.15
CA GLU B 221 31.85 -11.93 -29.68
C GLU B 221 32.94 -10.88 -29.60
N LEU B 222 32.57 -9.60 -29.75
CA LEU B 222 33.52 -8.50 -29.71
C LEU B 222 33.89 -8.03 -28.29
N VAL B 223 32.96 -8.15 -27.33
CA VAL B 223 33.10 -7.57 -25.99
C VAL B 223 32.74 -8.64 -24.94
N PRO B 224 33.76 -9.30 -24.39
CA PRO B 224 33.54 -10.33 -23.36
C PRO B 224 32.62 -9.82 -22.24
N GLY B 225 31.55 -10.57 -21.97
CA GLY B 225 30.70 -10.29 -20.83
C GLY B 225 29.70 -9.16 -21.03
N VAL B 226 29.68 -8.56 -22.22
CA VAL B 226 28.71 -7.47 -22.54
C VAL B 226 27.25 -7.89 -22.28
N ALA B 227 26.49 -6.92 -21.76
CA ALA B 227 25.06 -7.06 -21.56
C ALA B 227 24.32 -6.38 -22.72
N ILE B 228 23.23 -6.98 -23.14
CA ILE B 228 22.42 -6.44 -24.23
C ILE B 228 20.96 -6.41 -23.77
N ASN B 229 20.31 -5.26 -23.94
CA ASN B 229 18.91 -5.13 -23.48
C ASN B 229 17.87 -5.85 -24.35
N SER B 230 16.70 -6.07 -23.77
CA SER B 230 15.63 -6.85 -24.42
C SER B 230 14.91 -6.05 -25.48
N ARG B 231 14.99 -4.73 -25.41
CA ARG B 231 14.31 -3.91 -26.37
C ARG B 231 14.78 -4.16 -27.82
N LEU B 232 16.03 -4.56 -27.96
CA LEU B 232 16.59 -4.91 -29.26
C LEU B 232 15.81 -6.00 -29.94
N ARG B 233 15.28 -6.95 -29.17
CA ARG B 233 15.10 -8.32 -29.67
C ARG B 233 13.70 -8.64 -30.14
N ALA B 234 13.65 -9.31 -31.29
CA ALA B 234 12.42 -9.97 -31.80
C ALA B 234 12.76 -11.39 -32.26
N ASP B 235 11.85 -12.36 -32.06
CA ASP B 235 12.14 -13.75 -32.44
C ASP B 235 11.65 -14.04 -33.86
N ASP B 236 11.74 -15.30 -34.28
CA ASP B 236 11.39 -15.73 -35.65
C ASP B 236 9.97 -15.30 -36.01
N LYS B 237 9.06 -15.39 -35.04
CA LYS B 237 7.66 -15.04 -35.25
C LYS B 237 7.42 -13.55 -35.09
N GLY B 238 8.45 -12.78 -34.78
CA GLY B 238 8.31 -11.34 -34.58
C GLY B 238 7.88 -10.95 -33.17
N LYS B 239 7.86 -11.90 -32.23
CA LYS B 239 7.47 -11.56 -30.85
C LYS B 239 8.63 -10.80 -30.20
N ARG B 240 8.32 -9.71 -29.48
CA ARG B 240 9.34 -8.79 -28.94
C ARG B 240 9.56 -8.92 -27.44
N HIS B 241 10.79 -8.61 -27.01
CA HIS B 241 11.21 -8.66 -25.59
C HIS B 241 11.25 -10.09 -25.04
N PHE B 242 10.09 -10.72 -24.91
CA PHE B 242 9.99 -12.13 -24.57
C PHE B 242 9.57 -12.88 -25.83
N ASP B 243 10.22 -14.00 -26.09
CA ASP B 243 9.97 -14.79 -27.30
C ASP B 243 8.63 -15.55 -27.21
N SER B 244 8.34 -16.32 -28.25
CA SER B 244 7.08 -17.07 -28.33
C SER B 244 6.97 -18.20 -27.29
N ASN B 245 8.07 -18.53 -26.62
CA ASN B 245 8.02 -19.50 -25.56
C ASN B 245 7.99 -18.83 -24.17
N GLY B 246 7.83 -17.50 -24.15
CA GLY B 246 7.73 -16.72 -22.92
C GLY B 246 9.09 -16.39 -22.28
N ARG B 247 10.18 -16.59 -23.02
CA ARG B 247 11.49 -16.46 -22.45
C ARG B 247 12.06 -15.09 -22.80
N LEU B 248 12.69 -14.47 -21.81
CA LEU B 248 13.31 -13.18 -22.01
C LEU B 248 14.51 -13.30 -22.98
N MET B 249 14.49 -12.45 -24.01
CA MET B 249 15.55 -12.33 -24.98
C MET B 249 16.41 -11.14 -24.56
N GLY B 250 17.70 -11.21 -24.86
CA GLY B 250 18.62 -10.29 -24.26
C GLY B 250 18.88 -10.65 -22.82
N ASP B 251 19.67 -9.83 -22.15
CA ASP B 251 20.16 -10.16 -20.84
C ASP B 251 19.31 -9.59 -19.68
N TYR B 252 18.49 -8.60 -19.99
CA TYR B 252 17.67 -7.92 -18.95
C TYR B 252 16.53 -7.21 -19.64
N GLU B 253 15.42 -7.05 -18.91
CA GLU B 253 14.18 -6.53 -19.43
C GLU B 253 14.27 -5.00 -19.27
N SER B 254 13.82 -4.29 -20.29
CA SER B 254 14.07 -2.85 -20.38
C SER B 254 12.84 -2.01 -20.74
N GLY B 255 11.65 -2.51 -20.45
CA GLY B 255 10.38 -1.81 -20.72
C GLY B 255 9.84 -0.81 -19.70
N TYR B 256 10.42 -0.73 -18.51
CA TYR B 256 9.95 0.23 -17.44
C TYR B 256 10.61 1.59 -17.60
N GLU B 257 10.06 2.33 -18.53
CA GLU B 257 10.61 3.63 -18.90
C GLU B 257 9.55 4.66 -18.42
N ARG B 258 9.92 5.47 -17.45
CA ARG B 258 9.03 6.47 -16.80
C ARG B 258 7.82 5.80 -16.11
N ARG B 259 8.02 4.56 -15.67
CA ARG B 259 7.00 3.67 -15.13
C ARG B 259 7.75 2.63 -14.31
N LEU B 260 7.15 2.15 -13.22
CA LEU B 260 7.70 1.07 -12.42
C LEU B 260 6.66 0.01 -12.15
N PRO B 261 7.11 -1.24 -11.90
CA PRO B 261 6.14 -2.29 -11.55
C PRO B 261 5.48 -2.08 -10.18
N ASP B 262 4.22 -2.51 -10.08
CA ASP B 262 3.49 -2.42 -8.80
C ASP B 262 4.11 -3.36 -7.75
N PRO B 263 4.44 -2.81 -6.56
CA PRO B 263 5.09 -3.64 -5.55
C PRO B 263 4.27 -4.80 -4.99
N VAL B 264 2.97 -4.85 -5.23
CA VAL B 264 2.20 -6.05 -4.83
C VAL B 264 1.81 -6.95 -6.00
N LYS B 265 1.40 -6.37 -7.11
CA LYS B 265 0.82 -7.15 -8.19
C LYS B 265 1.81 -7.64 -9.24
N ASP B 266 3.02 -7.05 -9.27
CA ASP B 266 3.97 -7.30 -10.38
C ASP B 266 5.26 -7.98 -9.90
N LEU B 267 5.12 -8.87 -8.90
CA LEU B 267 6.27 -9.59 -8.35
C LEU B 267 6.95 -10.53 -9.36
N LYS B 268 6.28 -10.80 -10.47
CA LYS B 268 6.86 -11.56 -11.59
C LYS B 268 8.21 -11.00 -12.05
N VAL B 269 8.40 -9.68 -11.92
CA VAL B 269 9.67 -9.06 -12.36
C VAL B 269 10.91 -9.54 -11.63
N THR B 270 10.72 -10.12 -10.45
CA THR B 270 11.83 -10.61 -9.69
C THR B 270 12.49 -11.86 -10.29
N GLN B 271 11.87 -12.44 -11.31
CA GLN B 271 12.38 -13.72 -11.93
C GLN B 271 13.50 -13.46 -12.96
N TRP B 272 13.67 -12.21 -13.37
CA TRP B 272 14.67 -11.85 -14.39
C TRP B 272 15.36 -10.57 -14.02
N ASP B 273 16.51 -10.34 -14.63
CA ASP B 273 17.15 -9.02 -14.50
C ASP B 273 16.37 -7.98 -15.27
N TRP B 274 16.34 -6.76 -14.74
CA TRP B 274 15.61 -5.68 -15.39
C TRP B 274 16.20 -4.36 -14.94
N GLU B 275 16.04 -3.37 -15.80
CA GLU B 275 16.53 -2.03 -15.58
C GLU B 275 15.47 -1.02 -15.97
N ALA B 276 15.14 -0.12 -15.04
CA ALA B 276 14.22 0.96 -15.32
C ALA B 276 14.98 2.23 -15.65
N CYS B 277 14.32 3.11 -16.37
CA CYS B 277 14.86 4.46 -16.61
C CYS B 277 13.81 5.52 -16.34
N MET B 278 14.28 6.73 -16.05
CA MET B 278 13.34 7.82 -15.70
C MET B 278 13.88 9.21 -16.04
N THR B 279 12.95 10.16 -16.20
CA THR B 279 13.25 11.57 -16.47
C THR B 279 12.92 12.38 -15.20
N ILE B 280 13.49 13.59 -15.11
CA ILE B 280 13.21 14.49 -13.99
C ILE B 280 11.91 15.26 -14.25
N PRO B 281 11.80 15.95 -15.39
CA PRO B 281 10.48 16.40 -15.81
C PRO B 281 9.61 15.21 -16.21
N GLU B 282 8.36 15.46 -16.59
CA GLU B 282 7.47 14.37 -16.93
C GLU B 282 7.94 13.55 -18.14
N ASN B 283 8.46 14.23 -19.17
CA ASN B 283 8.92 13.56 -20.40
C ASN B 283 9.82 14.49 -21.20
N GLN B 284 11.02 14.71 -20.69
CA GLN B 284 12.06 15.41 -21.38
C GLN B 284 13.34 14.56 -21.17
N TRP B 285 13.97 14.10 -22.23
CA TRP B 285 15.27 13.43 -22.11
C TRP B 285 16.43 14.35 -22.52
N GLY B 286 16.34 14.90 -23.71
CA GLY B 286 17.27 15.93 -24.16
C GLY B 286 16.98 17.26 -23.47
N TYR B 287 17.95 18.16 -23.51
CA TYR B 287 17.76 19.50 -22.91
C TYR B 287 16.57 20.22 -23.52
N HIS B 288 15.61 20.57 -22.65
CA HIS B 288 14.52 21.47 -23.00
C HIS B 288 14.71 22.76 -22.19
N LYS B 289 14.59 23.90 -22.87
CA LYS B 289 14.86 25.19 -22.21
C LYS B 289 13.84 25.61 -21.17
N ASP B 290 12.62 25.07 -21.25
CA ASP B 290 11.53 25.55 -20.38
C ASP B 290 10.90 24.43 -19.55
N TRP B 291 11.45 24.20 -18.38
CA TRP B 291 10.98 23.11 -17.52
C TRP B 291 9.71 23.45 -16.73
N SER B 292 9.15 24.65 -16.94
CA SER B 292 7.92 25.04 -16.26
C SER B 292 6.71 24.42 -16.93
N LEU B 293 6.90 23.77 -18.07
CA LEU B 293 5.80 23.28 -18.88
C LEU B 293 5.18 21.93 -18.41
N SER B 294 5.88 21.25 -17.52
CA SER B 294 5.43 19.95 -16.99
C SER B 294 5.93 19.87 -15.57
N TYR B 295 5.48 18.85 -14.83
CA TYR B 295 5.94 18.66 -13.45
C TYR B 295 7.41 18.19 -13.36
N VAL B 296 8.17 18.79 -12.46
CA VAL B 296 9.58 18.49 -12.21
C VAL B 296 9.75 17.78 -10.88
N LYS B 297 10.27 16.56 -10.92
CA LYS B 297 10.48 15.80 -9.68
C LYS B 297 11.53 16.37 -8.76
N THR B 298 11.28 16.20 -7.45
CA THR B 298 12.23 16.55 -6.41
C THR B 298 13.17 15.38 -6.18
N PRO B 299 14.30 15.64 -5.52
CA PRO B 299 15.22 14.56 -5.23
C PRO B 299 14.65 13.39 -4.44
N ILE B 300 13.81 13.65 -3.43
CA ILE B 300 13.23 12.50 -2.69
C ILE B 300 12.29 11.67 -3.56
N GLU B 301 11.63 12.31 -4.51
CA GLU B 301 10.76 11.60 -5.40
C GLU B 301 11.60 10.71 -6.30
N VAL B 302 12.78 11.18 -6.67
CA VAL B 302 13.68 10.36 -7.49
C VAL B 302 14.26 9.22 -6.66
N ILE B 303 14.71 9.50 -5.44
CA ILE B 303 15.24 8.50 -4.54
C ILE B 303 14.21 7.40 -4.24
N ASP B 304 12.96 7.79 -4.05
CA ASP B 304 11.89 6.80 -3.87
C ASP B 304 11.83 5.80 -5.05
N ARG B 305 11.91 6.33 -6.25
CA ARG B 305 11.88 5.50 -7.49
C ARG B 305 13.10 4.57 -7.62
N ILE B 306 14.27 5.06 -7.23
CA ILE B 306 15.49 4.23 -7.18
C ILE B 306 15.35 3.06 -6.21
N VAL B 307 14.88 3.33 -5.00
CA VAL B 307 14.74 2.29 -4.01
C VAL B 307 13.62 1.31 -4.43
N HIS B 308 12.57 1.82 -5.05
CA HIS B 308 11.45 1.03 -5.50
C HIS B 308 11.99 0.00 -6.48
N ALA B 309 12.83 0.43 -7.41
CA ALA B 309 13.33 -0.52 -8.42
C ALA B 309 14.22 -1.59 -7.76
N VAL B 310 15.17 -1.20 -6.90
CA VAL B 310 16.01 -2.19 -6.23
C VAL B 310 15.18 -3.17 -5.40
N SER B 311 14.17 -2.67 -4.70
CA SER B 311 13.32 -3.51 -3.86
C SER B 311 12.61 -4.62 -4.62
N MET B 312 12.48 -4.45 -5.92
CA MET B 312 11.90 -5.47 -6.79
C MET B 312 12.91 -6.09 -7.77
N GLY B 313 14.18 -5.96 -7.43
CA GLY B 313 15.25 -6.67 -8.14
C GLY B 313 15.69 -6.01 -9.41
N GLY B 314 15.44 -4.71 -9.53
CA GLY B 314 15.73 -3.89 -10.71
C GLY B 314 16.77 -2.77 -10.52
N ASN B 315 17.46 -2.43 -11.60
CA ASN B 315 18.34 -1.24 -11.62
C ASN B 315 17.49 -0.03 -11.94
N MET B 316 18.00 1.16 -11.64
CA MET B 316 17.35 2.37 -12.06
C MET B 316 18.38 3.34 -12.64
N VAL B 317 18.01 3.96 -13.75
CA VAL B 317 18.86 4.94 -14.44
C VAL B 317 18.14 6.28 -14.49
N VAL B 318 18.76 7.32 -13.90
CA VAL B 318 18.18 8.67 -13.83
C VAL B 318 18.82 9.55 -14.91
N ASN B 319 17.96 10.16 -15.72
CA ASN B 319 18.40 10.87 -16.90
C ASN B 319 18.79 12.32 -16.69
N PHE B 320 19.82 12.74 -17.42
CA PHE B 320 20.30 14.11 -17.51
C PHE B 320 20.37 14.50 -18.98
N GLY B 321 19.96 15.74 -19.26
CA GLY B 321 19.98 16.28 -20.62
C GLY B 321 20.89 17.52 -20.62
N PRO B 322 22.18 17.32 -20.87
CA PRO B 322 23.13 18.47 -20.82
C PRO B 322 22.85 19.59 -21.76
N GLN B 323 23.27 20.78 -21.34
CA GLN B 323 23.14 22.00 -22.12
C GLN B 323 23.98 21.91 -23.38
N ALA B 324 23.62 22.71 -24.37
CA ALA B 324 24.35 22.81 -25.63
C ALA B 324 25.80 23.23 -25.39
N ASP B 325 26.03 23.99 -24.32
CA ASP B 325 27.38 24.50 -24.00
C ASP B 325 28.25 23.46 -23.30
N GLY B 326 27.67 22.32 -22.88
CA GLY B 326 28.49 21.27 -22.25
C GLY B 326 28.50 21.29 -20.73
N ASP B 327 27.68 22.15 -20.15
CA ASP B 327 27.45 22.15 -18.73
C ASP B 327 26.09 21.56 -18.45
N PHE B 328 25.83 21.28 -17.18
CA PHE B 328 24.52 20.83 -16.71
C PHE B 328 23.73 21.99 -16.11
N ARG B 329 22.43 22.04 -16.39
CA ARG B 329 21.55 23.04 -15.79
C ARG B 329 21.52 22.97 -14.25
N PRO B 330 21.15 24.10 -13.60
CA PRO B 330 21.18 24.18 -12.13
C PRO B 330 20.36 23.08 -11.45
N GLU B 331 19.18 22.82 -11.97
CA GLU B 331 18.28 21.83 -11.40
C GLU B 331 18.92 20.44 -11.39
N GLU B 332 19.67 20.14 -12.45
CA GLU B 332 20.31 18.82 -12.55
C GLU B 332 21.52 18.73 -11.66
N LYS B 333 22.26 19.82 -11.50
CA LYS B 333 23.37 19.80 -10.55
C LYS B 333 22.90 19.61 -9.10
N ALA B 334 21.78 20.25 -8.77
CA ALA B 334 21.17 20.13 -7.45
C ALA B 334 20.69 18.70 -7.24
N MET B 335 20.04 18.16 -8.27
CA MET B 335 19.52 16.78 -8.24
C MET B 335 20.66 15.85 -7.93
N ALA B 336 21.75 15.92 -8.70
CA ALA B 336 22.90 15.04 -8.52
C ALA B 336 23.54 15.15 -7.13
N THR B 337 23.69 16.38 -6.65
CA THR B 337 24.23 16.59 -5.32
C THR B 337 23.36 16.01 -4.23
N ALA B 338 22.06 16.22 -4.35
CA ALA B 338 21.10 15.73 -3.33
C ALA B 338 21.06 14.20 -3.29
N ILE B 339 20.99 13.57 -4.45
CA ILE B 339 20.98 12.10 -4.52
C ILE B 339 22.25 11.54 -3.90
N GLY B 340 23.38 12.18 -4.22
CA GLY B 340 24.68 11.77 -3.72
C GLY B 340 24.86 11.86 -2.20
N LYS B 341 24.34 12.93 -1.59
CA LYS B 341 24.38 13.07 -0.14
C LYS B 341 23.64 11.88 0.48
N TRP B 342 22.50 11.54 -0.11
CA TRP B 342 21.64 10.49 0.45
C TRP B 342 22.31 9.15 0.24
N MET B 343 22.83 8.88 -0.96
CA MET B 343 23.49 7.61 -1.24
C MET B 343 24.76 7.39 -0.41
N ASN B 344 25.48 8.46 -0.11
CA ASN B 344 26.64 8.37 0.76
C ASN B 344 26.28 7.80 2.16
N ARG B 345 25.09 8.16 2.63
CA ARG B 345 24.64 7.75 3.94
C ARG B 345 23.96 6.37 3.86
N TYR B 346 23.13 6.20 2.83
CA TYR B 346 22.18 5.06 2.81
C TYR B 346 22.40 4.06 1.68
N GLY B 347 23.45 4.30 0.91
CA GLY B 347 23.77 3.48 -0.24
C GLY B 347 23.89 2.02 0.01
N LYS B 348 24.24 1.64 1.23
CA LYS B 348 24.41 0.24 1.61
C LYS B 348 23.14 -0.58 1.36
N ALA B 349 22.00 0.10 1.45
CA ALA B 349 20.67 -0.51 1.18
C ALA B 349 20.26 -0.51 -0.30
N VAL B 350 21.11 0.02 -1.18
CA VAL B 350 20.87 0.10 -2.60
C VAL B 350 21.86 -0.77 -3.39
N TYR B 351 23.15 -0.46 -3.26
CA TYR B 351 24.20 -1.21 -3.99
C TYR B 351 24.21 -2.68 -3.64
N ALA B 352 24.20 -3.49 -4.67
CA ALA B 352 24.31 -4.94 -4.52
C ALA B 352 23.13 -5.51 -3.73
N CYS B 353 22.02 -4.79 -3.69
CA CYS B 353 20.83 -5.23 -2.96
C CYS B 353 19.78 -5.74 -3.94
N ASP B 354 18.77 -6.41 -3.41
CA ASP B 354 17.83 -7.19 -4.22
C ASP B 354 16.51 -7.34 -3.47
N TYR B 355 15.57 -7.97 -4.15
CA TYR B 355 14.26 -8.35 -3.57
C TYR B 355 14.38 -9.17 -2.30
N ALA B 356 13.60 -8.76 -1.30
CA ALA B 356 13.67 -9.34 0.05
C ALA B 356 12.65 -10.43 0.33
N GLY B 357 11.60 -10.50 -0.47
CA GLY B 357 10.58 -11.51 -0.25
C GLY B 357 9.62 -11.23 0.89
N PHE B 358 9.48 -9.96 1.31
CA PHE B 358 8.56 -9.56 2.41
C PHE B 358 7.35 -8.83 1.80
N GLU B 359 6.17 -8.94 2.40
CA GLU B 359 4.99 -8.19 1.89
C GLU B 359 5.22 -6.67 2.02
N LYS B 360 4.90 -5.93 0.98
CA LYS B 360 5.02 -4.48 0.96
C LYS B 360 4.23 -3.84 2.11
N GLN B 361 4.85 -2.88 2.79
CA GLN B 361 4.19 -2.07 3.81
C GLN B 361 4.18 -0.57 3.45
N ASP B 362 3.32 0.21 4.09
CA ASP B 362 3.09 1.60 3.70
C ASP B 362 4.26 2.53 3.92
N TRP B 363 5.13 2.20 4.85
CA TRP B 363 6.19 3.14 5.24
C TRP B 363 7.32 3.27 4.20
N GLY B 364 7.37 2.39 3.19
CA GLY B 364 8.52 2.36 2.32
C GLY B 364 8.87 0.95 1.86
N TYR B 365 10.15 0.63 1.79
CA TYR B 365 10.58 -0.51 0.97
C TYR B 365 11.49 -1.39 1.75
N TYR B 366 11.45 -2.67 1.46
CA TYR B 366 12.53 -3.54 1.91
C TYR B 366 13.54 -3.79 0.80
N THR B 367 14.82 -3.91 1.17
CA THR B 367 15.80 -4.50 0.24
C THR B 367 16.64 -5.51 1.00
N ARG B 368 17.26 -6.43 0.26
CA ARG B 368 18.01 -7.50 0.82
C ARG B 368 19.44 -7.42 0.36
N GLY B 369 20.38 -7.40 1.31
CA GLY B 369 21.81 -7.34 1.00
C GLY B 369 22.42 -8.70 0.74
N LYS B 370 23.69 -8.69 0.40
CA LYS B 370 24.41 -9.91 0.04
C LYS B 370 24.53 -10.98 1.13
N ASN B 371 24.54 -10.57 2.40
CA ASN B 371 24.67 -11.51 3.51
C ASN B 371 23.33 -11.72 4.22
N ASP B 372 22.24 -11.40 3.53
CA ASP B 372 20.86 -11.58 4.02
C ASP B 372 20.49 -10.53 5.06
N GLU B 373 21.20 -9.41 5.06
CA GLU B 373 20.70 -8.24 5.72
C GLU B 373 19.34 -7.94 5.09
N VAL B 374 18.38 -7.49 5.89
CA VAL B 374 17.15 -6.94 5.37
C VAL B 374 17.06 -5.48 5.81
N TYR B 375 17.07 -4.58 4.82
CA TYR B 375 17.02 -3.17 5.05
C TYR B 375 15.57 -2.67 4.92
N MET B 376 15.14 -1.89 5.90
CA MET B 376 13.91 -1.13 5.80
C MET B 376 14.26 0.27 5.40
N VAL B 377 13.75 0.71 4.24
CA VAL B 377 13.97 2.08 3.76
C VAL B 377 12.68 2.89 3.92
N VAL B 378 12.68 3.77 4.91
CA VAL B 378 11.47 4.46 5.34
C VAL B 378 11.32 5.80 4.64
N PHE B 379 10.24 5.92 3.85
CA PHE B 379 9.88 7.13 3.12
C PHE B 379 8.69 7.86 3.76
N ASN B 380 7.84 7.12 4.47
CA ASN B 380 6.60 7.66 5.05
C ASN B 380 6.55 7.34 6.51
N GLN B 381 6.78 8.37 7.33
CA GLN B 381 7.04 8.20 8.75
C GLN B 381 5.70 8.09 9.52
N PRO B 382 5.46 6.94 10.18
CA PRO B 382 4.19 6.72 10.87
C PRO B 382 4.08 7.59 12.14
N TYR B 383 3.00 8.34 12.26
CA TYR B 383 2.70 9.05 13.53
C TYR B 383 2.59 8.09 14.71
N SER B 384 2.27 6.82 14.43
CA SER B 384 2.28 5.78 15.48
C SER B 384 3.64 5.45 16.10
N GLU B 385 4.72 5.88 15.45
CA GLU B 385 6.09 5.65 15.88
C GLU B 385 6.50 4.17 15.76
N ARG B 386 5.70 3.39 15.01
CA ARG B 386 5.92 1.96 14.87
C ARG B 386 5.82 1.60 13.38
N LEU B 387 6.82 0.86 12.90
CA LEU B 387 6.89 0.43 11.52
C LEU B 387 6.47 -1.02 11.50
N ILE B 388 5.37 -1.35 10.81
CA ILE B 388 4.85 -2.71 10.83
C ILE B 388 5.71 -3.55 9.90
N VAL B 389 6.19 -4.67 10.42
CA VAL B 389 6.93 -5.68 9.65
C VAL B 389 6.18 -7.01 9.78
N LYS B 390 5.68 -7.52 8.64
CA LYS B 390 5.12 -8.86 8.57
C LYS B 390 6.14 -9.79 7.91
N THR B 391 6.53 -10.85 8.61
CA THR B 391 7.58 -11.75 8.10
C THR B 391 6.97 -12.91 7.32
N PRO B 392 7.72 -13.43 6.33
CA PRO B 392 7.21 -14.63 5.70
C PRO B 392 7.27 -15.82 6.68
N LYS B 393 6.54 -16.89 6.35
CA LYS B 393 6.52 -18.12 7.15
C LYS B 393 7.93 -18.58 7.52
N GLY B 394 8.14 -18.83 8.81
CA GLY B 394 9.44 -19.30 9.30
C GLY B 394 10.57 -18.28 9.43
N ILE B 395 10.28 -17.00 9.19
CA ILE B 395 11.27 -15.93 9.36
C ILE B 395 10.97 -15.12 10.64
N THR B 396 11.98 -14.93 11.47
CA THR B 396 11.88 -14.13 12.68
C THR B 396 12.84 -12.95 12.57
N VAL B 397 12.51 -11.84 13.23
CA VAL B 397 13.38 -10.69 13.36
C VAL B 397 14.09 -10.72 14.73
N GLU B 398 15.42 -10.73 14.70
CA GLU B 398 16.22 -10.89 15.89
C GLU B 398 16.76 -9.57 16.43
N LYS B 399 16.97 -8.60 15.55
CA LYS B 399 17.48 -7.29 15.94
C LYS B 399 17.14 -6.29 14.86
N ALA B 400 17.01 -5.04 15.27
CA ALA B 400 16.91 -3.91 14.38
C ALA B 400 17.96 -2.87 14.80
N THR B 401 18.58 -2.20 13.83
CA THR B 401 19.63 -1.19 14.09
C THR B 401 19.40 0.00 13.14
N LEU B 402 19.56 1.24 13.63
CA LEU B 402 19.55 2.40 12.74
C LEU B 402 20.85 2.43 11.97
N LEU B 403 20.78 2.31 10.64
CA LEU B 403 22.01 2.11 9.86
C LEU B 403 23.05 3.21 10.12
N THR B 404 22.67 4.48 10.11
CA THR B 404 23.67 5.56 10.17
C THR B 404 24.33 5.76 11.55
N THR B 405 23.76 5.20 12.60
CA THR B 405 24.24 5.43 13.98
C THR B 405 24.61 4.18 14.75
N GLY B 406 24.12 3.02 14.34
CA GLY B 406 24.39 1.79 15.03
C GLY B 406 23.47 1.58 16.23
N GLU B 407 22.56 2.52 16.47
CA GLU B 407 21.71 2.47 17.65
C GLU B 407 20.68 1.35 17.53
N ASP B 408 20.60 0.54 18.58
CA ASP B 408 19.62 -0.54 18.68
C ASP B 408 18.20 0.03 18.71
N ILE B 409 17.32 -0.61 17.94
CA ILE B 409 15.94 -0.21 17.74
C ILE B 409 15.02 -1.30 18.30
N THR B 410 14.00 -0.87 19.02
CA THR B 410 13.08 -1.81 19.65
C THR B 410 12.22 -2.55 18.64
N VAL B 411 12.21 -3.87 18.76
CA VAL B 411 11.35 -4.76 17.99
C VAL B 411 10.43 -5.52 18.93
N VAL B 412 9.13 -5.37 18.71
CA VAL B 412 8.11 -5.98 19.55
C VAL B 412 7.23 -6.89 18.70
N GLU B 413 7.06 -8.13 19.11
CA GLU B 413 6.12 -9.02 18.43
C GLU B 413 4.70 -8.61 18.77
N THR B 414 3.85 -8.46 17.76
CA THR B 414 2.48 -8.04 18.00
C THR B 414 1.49 -9.18 17.81
N THR B 415 1.73 -10.01 16.80
CA THR B 415 0.93 -11.20 16.56
C THR B 415 1.83 -12.18 15.79
N ARG B 416 1.32 -13.34 15.42
CA ARG B 416 2.15 -14.32 14.74
C ARG B 416 2.64 -13.73 13.42
N ASN B 417 3.94 -13.83 13.17
CA ASN B 417 4.61 -13.29 11.98
C ASN B 417 4.50 -11.77 11.82
N GLU B 418 4.24 -11.05 12.91
CA GLU B 418 4.13 -9.60 12.81
C GLU B 418 4.86 -8.89 13.94
N TYR B 419 5.62 -7.86 13.58
CA TYR B 419 6.33 -7.05 14.57
C TYR B 419 6.02 -5.58 14.36
N ASN B 420 6.12 -4.79 15.43
CA ASN B 420 6.35 -3.37 15.39
C ASN B 420 7.83 -3.06 15.56
N VAL B 421 8.43 -2.43 14.56
CA VAL B 421 9.79 -1.92 14.67
C VAL B 421 9.70 -0.42 15.01
N SER B 422 10.27 0.01 16.13
CA SER B 422 10.12 1.40 16.52
C SER B 422 10.91 2.32 15.61
N VAL B 423 10.38 3.51 15.38
CA VAL B 423 11.12 4.57 14.67
C VAL B 423 12.30 5.00 15.57
N PRO B 424 13.30 5.64 14.97
CA PRO B 424 14.42 6.11 15.79
C PRO B 424 13.98 7.10 16.87
N LYS B 425 14.72 7.17 17.98
CA LYS B 425 14.39 8.12 19.05
C LYS B 425 14.36 9.56 18.53
N LYS B 426 15.29 9.91 17.64
CA LYS B 426 15.25 11.20 16.92
C LYS B 426 14.93 11.02 15.44
N ASN B 427 13.95 11.78 14.95
CA ASN B 427 13.56 11.75 13.54
C ASN B 427 14.76 12.13 12.64
N PRO B 428 15.21 11.19 11.78
CA PRO B 428 16.28 11.53 10.82
C PRO B 428 16.02 12.73 9.90
N GLY B 429 14.77 13.07 9.64
CA GLY B 429 14.43 14.23 8.80
C GLY B 429 14.56 14.00 7.29
N GLU B 430 14.76 12.73 6.92
CA GLU B 430 14.90 12.34 5.50
C GLU B 430 14.63 10.85 5.42
N PRO B 431 14.34 10.34 4.21
CA PRO B 431 14.21 8.89 4.16
C PRO B 431 15.40 8.18 4.80
N TYR B 432 15.13 7.14 5.58
CA TYR B 432 16.22 6.52 6.35
C TYR B 432 16.18 5.01 6.36
N VAL B 433 17.25 4.40 6.84
CA VAL B 433 17.38 2.95 6.82
C VAL B 433 17.51 2.31 8.20
N ILE B 434 16.72 1.25 8.42
CA ILE B 434 16.85 0.38 9.56
C ILE B 434 17.26 -0.98 9.07
N GLN B 435 18.35 -1.48 9.60
CA GLN B 435 18.82 -2.82 9.23
C GLN B 435 18.29 -3.91 10.16
N LEU B 436 17.66 -4.93 9.58
CA LEU B 436 17.22 -6.09 10.35
C LEU B 436 18.16 -7.27 10.22
N LYS B 437 18.35 -7.96 11.33
CA LYS B 437 18.92 -9.28 11.37
C LYS B 437 17.76 -10.21 11.44
N VAL B 438 17.67 -11.14 10.50
CA VAL B 438 16.57 -12.07 10.45
C VAL B 438 17.09 -13.49 10.48
N ARG B 439 16.23 -14.42 10.83
CA ARG B 439 16.59 -15.81 11.06
C ARG B 439 15.55 -16.69 10.39
N ALA B 440 15.98 -17.59 9.51
CA ALA B 440 15.07 -18.51 8.83
C ALA B 440 15.12 -19.89 9.51
N ALA B 441 13.97 -20.54 9.62
CA ALA B 441 13.81 -21.79 10.36
C ALA B 441 14.06 -23.08 9.54
N LYS B 442 14.46 -24.14 10.25
CA LYS B 442 14.45 -25.57 9.82
C LYS B 442 15.66 -26.34 10.41
#